data_1V5V
#
_entry.id   1V5V
#
_cell.length_a   79.496
_cell.length_b   96.099
_cell.length_c   118.605
_cell.angle_alpha   90.00
_cell.angle_beta   90.00
_cell.angle_gamma   90.00
#
_symmetry.space_group_name_H-M   'P 21 21 21'
#
loop_
_entity.id
_entity.type
_entity.pdbx_description
1 polymer aminomethyltransferase
2 non-polymer GLYCEROL
3 non-polymer DI(HYDROXYETHYL)ETHER
4 water water
#
_entity_poly.entity_id   1
_entity_poly.type   'polypeptide(L)'
_entity_poly.pdbx_seq_one_letter_code
;MIQMVKRVHIFDWHKEHARKIEEFAGWEMPIWYSSIKEEHLAVRNAVGIFDVSHMGEIVFRGKDALKFLQYVTTNDISKP
PAISGTYTLVLNERGAIKDETLVFNMGNNEYLMICDSDAFEKLYAWFTYLKRTIEQFTKLDLEIELKTYDIAMFAVQGPK
ARDLAKDLFGIDINEMWWFQARWVELDGIKMLLSRSGYTGENGFEVYIEDANPYHPDESKRGEPEKALHVWERILEEGKK
YGIKPCGLGARDTLRLEAGYTLYGNETKELQLLSTDIDEVTPLQANLEFAIYWDKDFIGKDALLKQKERGVGRKLVHFKM
IDKGIPREGYKVYANGEMIGEVTSGTLSPLLNVGIGIAFVKEEYAKPGIEIEVEIRGQRKKAVTVTPPFYDPKKYGLFRE
T
;
_entity_poly.pdbx_strand_id   A,B
#
# COMPACT_ATOMS: atom_id res chain seq x y z
N GLN A 3 -5.97 -16.38 -10.83
CA GLN A 3 -4.99 -15.54 -11.59
C GLN A 3 -4.17 -16.41 -12.53
N MET A 4 -4.00 -15.93 -13.77
CA MET A 4 -3.25 -16.67 -14.76
C MET A 4 -1.78 -16.76 -14.34
N VAL A 5 -1.17 -17.91 -14.58
CA VAL A 5 0.24 -18.06 -14.23
C VAL A 5 1.02 -17.34 -15.31
N LYS A 6 2.11 -16.71 -14.92
CA LYS A 6 2.93 -15.98 -15.87
C LYS A 6 4.10 -16.84 -16.31
N ARG A 7 4.33 -16.90 -17.60
CA ARG A 7 5.44 -17.69 -18.16
C ARG A 7 6.17 -16.90 -19.22
N VAL A 8 7.49 -16.99 -19.21
CA VAL A 8 8.32 -16.28 -20.19
C VAL A 8 8.27 -16.94 -21.56
N HIS A 9 8.69 -16.20 -22.58
CA HIS A 9 8.69 -16.68 -23.96
C HIS A 9 9.20 -18.10 -24.11
N ILE A 10 10.42 -18.36 -23.64
CA ILE A 10 10.99 -19.69 -23.79
C ILE A 10 10.84 -20.59 -22.56
N PHE A 11 9.68 -20.50 -21.91
CA PHE A 11 9.40 -21.32 -20.73
C PHE A 11 9.65 -22.80 -20.99
N ASP A 12 9.24 -23.30 -22.15
CA ASP A 12 9.43 -24.71 -22.47
C ASP A 12 10.88 -25.15 -22.40
N TRP A 13 11.80 -24.29 -22.83
CA TRP A 13 13.21 -24.63 -22.78
C TRP A 13 13.62 -24.78 -21.32
N HIS A 14 13.15 -23.86 -20.48
CA HIS A 14 13.47 -23.91 -19.06
C HIS A 14 12.89 -25.14 -18.39
N LYS A 15 11.66 -25.48 -18.73
CA LYS A 15 11.00 -26.64 -18.14
C LYS A 15 11.77 -27.91 -18.47
N GLU A 16 12.41 -27.92 -19.63
CA GLU A 16 13.18 -29.07 -20.08
C GLU A 16 14.60 -29.16 -19.52
N HIS A 17 15.20 -28.01 -19.22
CA HIS A 17 16.57 -27.99 -18.72
C HIS A 17 16.79 -27.68 -17.24
N ALA A 18 15.81 -27.06 -16.59
CA ALA A 18 15.94 -26.71 -15.18
C ALA A 18 15.68 -27.88 -14.24
N ARG A 19 16.42 -27.94 -13.12
CA ARG A 19 16.22 -28.99 -12.12
C ARG A 19 15.12 -28.57 -11.15
N LYS A 20 14.82 -27.29 -11.11
CA LYS A 20 13.79 -26.81 -10.21
C LYS A 20 13.06 -25.64 -10.84
N ILE A 21 11.74 -25.76 -10.95
CA ILE A 21 10.90 -24.72 -11.52
C ILE A 21 9.89 -24.39 -10.42
N GLU A 22 9.81 -23.12 -10.05
CA GLU A 22 8.85 -22.74 -9.03
C GLU A 22 8.33 -21.33 -9.20
N GLU A 23 7.17 -21.05 -8.60
CA GLU A 23 6.55 -19.75 -8.72
C GLU A 23 7.41 -18.63 -8.12
N PHE A 24 7.65 -17.60 -8.91
CA PHE A 24 8.44 -16.44 -8.51
C PHE A 24 7.73 -15.22 -9.08
N ALA A 25 7.23 -14.37 -8.18
CA ALA A 25 6.51 -13.17 -8.60
C ALA A 25 5.33 -13.59 -9.48
N GLY A 26 4.83 -14.81 -9.26
CA GLY A 26 3.72 -15.31 -10.05
C GLY A 26 4.15 -15.99 -11.32
N TRP A 27 5.43 -15.88 -11.66
CA TRP A 27 6.00 -16.50 -12.85
C TRP A 27 6.59 -17.86 -12.50
N GLU A 28 6.33 -18.86 -13.34
CA GLU A 28 6.89 -20.19 -13.11
C GLU A 28 8.29 -20.08 -13.71
N MET A 29 9.28 -19.93 -12.84
CA MET A 29 10.66 -19.73 -13.28
C MET A 29 11.68 -20.79 -12.90
N PRO A 30 12.76 -20.89 -13.69
CA PRO A 30 13.83 -21.86 -13.43
C PRO A 30 14.66 -21.31 -12.27
N ILE A 31 14.81 -22.08 -11.21
CA ILE A 31 15.59 -21.65 -10.06
C ILE A 31 17.06 -22.01 -10.27
N TRP A 32 17.31 -23.15 -10.89
CA TRP A 32 18.67 -23.57 -11.21
C TRP A 32 18.63 -24.71 -12.22
N TYR A 33 19.74 -24.89 -12.94
CA TYR A 33 19.86 -25.93 -13.95
C TYR A 33 20.84 -26.99 -13.50
N SER A 34 22.03 -26.58 -13.09
CA SER A 34 23.04 -27.50 -12.58
C SER A 34 23.00 -27.38 -11.06
N SER A 35 23.41 -26.22 -10.57
CA SER A 35 23.38 -25.95 -9.13
C SER A 35 23.55 -24.44 -8.96
N ILE A 36 23.00 -23.91 -7.88
CA ILE A 36 23.13 -22.48 -7.61
C ILE A 36 24.60 -22.12 -7.49
N LYS A 37 25.37 -22.98 -6.82
CA LYS A 37 26.79 -22.72 -6.64
C LYS A 37 27.56 -22.67 -7.96
N GLU A 38 27.32 -23.66 -8.83
CA GLU A 38 28.04 -23.68 -10.11
C GLU A 38 27.69 -22.47 -10.97
N GLU A 39 26.41 -22.13 -11.02
CA GLU A 39 25.96 -21.00 -11.81
C GLU A 39 26.50 -19.68 -11.25
N HIS A 40 26.49 -19.56 -9.93
CA HIS A 40 27.01 -18.37 -9.26
C HIS A 40 28.49 -18.19 -9.59
N LEU A 41 29.26 -19.26 -9.44
CA LEU A 41 30.69 -19.19 -9.73
C LEU A 41 30.98 -18.99 -11.22
N ALA A 42 30.08 -19.45 -12.08
CA ALA A 42 30.28 -19.26 -13.52
C ALA A 42 30.26 -17.76 -13.83
N VAL A 43 29.39 -17.02 -13.14
CA VAL A 43 29.31 -15.58 -13.36
C VAL A 43 30.52 -14.87 -12.75
N ARG A 44 30.97 -15.36 -11.60
CA ARG A 44 32.14 -14.77 -10.94
C ARG A 44 33.44 -15.07 -11.66
N ASN A 45 33.53 -16.24 -12.28
CA ASN A 45 34.76 -16.67 -12.95
C ASN A 45 34.77 -16.67 -14.48
N ALA A 46 33.61 -16.80 -15.11
CA ALA A 46 33.54 -16.84 -16.56
C ALA A 46 32.40 -15.99 -17.08
N VAL A 47 31.30 -16.64 -17.45
CA VAL A 47 30.13 -15.92 -17.92
C VAL A 47 28.89 -16.78 -17.75
N GLY A 48 27.76 -16.13 -17.50
CA GLY A 48 26.52 -16.85 -17.34
C GLY A 48 25.39 -16.08 -17.99
N ILE A 49 24.35 -16.79 -18.42
CA ILE A 49 23.21 -16.13 -19.04
C ILE A 49 21.94 -16.44 -18.25
N PHE A 50 21.19 -15.39 -17.94
CA PHE A 50 19.94 -15.49 -17.20
C PHE A 50 18.77 -15.06 -18.07
N ASP A 51 17.63 -15.75 -17.92
CA ASP A 51 16.46 -15.31 -18.66
C ASP A 51 15.70 -14.44 -17.67
N VAL A 52 15.64 -13.13 -17.95
CA VAL A 52 14.93 -12.21 -17.08
C VAL A 52 13.76 -11.57 -17.82
N SER A 53 13.12 -12.37 -18.66
CA SER A 53 11.97 -11.95 -19.44
C SER A 53 10.75 -11.66 -18.57
N HIS A 54 10.87 -11.96 -17.27
CA HIS A 54 9.79 -11.73 -16.30
C HIS A 54 9.85 -10.32 -15.72
N MET A 55 10.95 -9.60 -15.98
CA MET A 55 11.06 -8.23 -15.49
C MET A 55 10.07 -7.39 -16.25
N GLY A 56 9.56 -6.34 -15.62
CA GLY A 56 8.60 -5.49 -16.30
C GLY A 56 9.21 -4.53 -17.30
N GLU A 57 8.43 -4.24 -18.35
CA GLU A 57 8.81 -3.28 -19.37
C GLU A 57 7.59 -2.40 -19.61
N ILE A 58 7.75 -1.10 -19.42
CA ILE A 58 6.65 -0.16 -19.66
C ILE A 58 7.24 0.94 -20.54
N VAL A 59 6.55 1.26 -21.64
CA VAL A 59 7.04 2.28 -22.55
C VAL A 59 6.18 3.54 -22.47
N PHE A 60 6.83 4.70 -22.46
CA PHE A 60 6.16 5.99 -22.40
C PHE A 60 6.53 6.76 -23.67
N ARG A 61 5.53 7.19 -24.43
CA ARG A 61 5.78 7.92 -25.67
C ARG A 61 4.97 9.21 -25.76
N GLY A 62 5.57 10.25 -26.33
CA GLY A 62 4.85 11.51 -26.49
C GLY A 62 5.57 12.74 -26.00
N LYS A 63 5.12 13.90 -26.46
CA LYS A 63 5.72 15.17 -26.07
C LYS A 63 5.58 15.43 -24.57
N ASP A 64 4.63 14.76 -23.93
CA ASP A 64 4.42 14.95 -22.49
C ASP A 64 5.04 13.85 -21.63
N ALA A 65 5.69 12.87 -22.25
CA ALA A 65 6.31 11.77 -21.51
C ALA A 65 7.40 12.19 -20.53
N LEU A 66 8.31 13.07 -20.95
CA LEU A 66 9.39 13.50 -20.08
C LEU A 66 8.88 14.20 -18.82
N LYS A 67 7.98 15.17 -18.99
CA LYS A 67 7.47 15.90 -17.85
C LYS A 67 6.72 14.95 -16.90
N PHE A 68 6.01 13.99 -17.49
CA PHE A 68 5.27 13.02 -16.69
C PHE A 68 6.25 12.17 -15.86
N LEU A 69 7.25 11.60 -16.52
CA LEU A 69 8.23 10.78 -15.82
C LEU A 69 9.02 11.59 -14.80
N GLN A 70 9.20 12.88 -15.05
CA GLN A 70 9.93 13.74 -14.12
C GLN A 70 9.14 13.96 -12.84
N TYR A 71 7.81 13.97 -12.95
CA TYR A 71 7.05 14.18 -11.75
C TYR A 71 6.73 12.91 -10.98
N VAL A 72 6.67 11.78 -11.70
CA VAL A 72 6.33 10.54 -11.01
C VAL A 72 7.51 9.69 -10.54
N THR A 73 8.73 10.06 -10.91
CA THR A 73 9.92 9.33 -10.46
C THR A 73 10.93 10.32 -9.85
N THR A 74 11.83 9.81 -9.02
CA THR A 74 12.80 10.63 -8.30
C THR A 74 14.04 11.22 -8.99
N ASN A 75 14.63 10.51 -9.96
CA ASN A 75 15.85 11.03 -10.59
C ASN A 75 15.61 11.98 -11.77
N ASP A 76 16.67 12.61 -12.24
CA ASP A 76 16.57 13.54 -13.36
C ASP A 76 16.48 12.76 -14.66
N ILE A 77 15.26 12.55 -15.14
CA ILE A 77 15.02 11.80 -16.37
C ILE A 77 15.53 12.51 -17.63
N SER A 78 15.76 13.82 -17.54
CA SER A 78 16.23 14.58 -18.69
C SER A 78 17.73 14.44 -18.94
N LYS A 79 18.46 13.91 -17.96
CA LYS A 79 19.90 13.74 -18.08
C LYS A 79 20.45 12.73 -19.08
N PRO A 80 20.00 11.45 -19.02
CA PRO A 80 20.52 10.44 -19.98
C PRO A 80 20.30 10.79 -21.48
N PRO A 81 21.38 10.85 -22.27
CA PRO A 81 21.23 11.12 -23.70
C PRO A 81 20.78 9.83 -24.39
N ALA A 82 20.16 9.95 -25.56
CA ALA A 82 19.71 8.77 -26.29
C ALA A 82 20.93 8.09 -26.88
N ILE A 83 21.08 6.78 -26.70
CA ILE A 83 20.16 5.92 -25.94
C ILE A 83 20.88 5.47 -24.68
N SER A 84 20.35 5.85 -23.52
CA SER A 84 20.97 5.44 -22.26
C SER A 84 19.96 5.60 -21.14
N GLY A 85 20.24 4.99 -19.99
CA GLY A 85 19.29 5.10 -18.91
C GLY A 85 19.77 5.65 -17.58
N THR A 86 18.83 5.78 -16.67
CA THR A 86 19.12 6.26 -15.33
C THR A 86 18.27 5.49 -14.33
N TYR A 87 18.88 5.18 -13.19
CA TYR A 87 18.20 4.48 -12.11
C TYR A 87 17.32 5.51 -11.41
N THR A 88 16.03 5.20 -11.30
CA THR A 88 15.09 6.14 -10.69
C THR A 88 14.03 5.40 -9.88
N LEU A 89 13.58 6.02 -8.80
CA LEU A 89 12.57 5.40 -7.95
C LEU A 89 11.19 5.99 -8.20
N VAL A 90 10.18 5.16 -7.98
CA VAL A 90 8.79 5.59 -8.12
C VAL A 90 8.26 5.56 -6.69
N LEU A 91 7.91 6.72 -6.14
CA LEU A 91 7.42 6.76 -4.76
C LEU A 91 5.91 6.95 -4.68
N ASN A 92 5.35 6.61 -3.52
CA ASN A 92 3.92 6.83 -3.33
C ASN A 92 3.72 8.21 -2.72
N GLU A 93 2.47 8.55 -2.45
CA GLU A 93 2.10 9.86 -1.92
C GLU A 93 2.80 10.28 -0.62
N ARG A 94 3.30 9.32 0.15
CA ARG A 94 3.96 9.66 1.40
C ARG A 94 5.45 9.25 1.44
N GLY A 95 6.09 9.15 0.27
CA GLY A 95 7.51 8.82 0.21
C GLY A 95 7.98 7.40 0.17
N ALA A 96 7.10 6.41 0.32
CA ALA A 96 7.58 5.03 0.27
C ALA A 96 7.81 4.59 -1.17
N ILE A 97 8.66 3.58 -1.35
CA ILE A 97 9.00 3.11 -2.68
C ILE A 97 8.00 2.14 -3.29
N LYS A 98 7.43 2.54 -4.43
CA LYS A 98 6.48 1.69 -5.15
C LYS A 98 7.30 0.70 -5.98
N ASP A 99 8.50 1.11 -6.37
CA ASP A 99 9.45 0.26 -7.09
C ASP A 99 10.73 0.98 -7.45
N GLU A 100 11.79 0.21 -7.65
CA GLU A 100 13.10 0.71 -8.07
C GLU A 100 13.06 0.41 -9.57
N THR A 101 13.48 1.36 -10.39
CA THR A 101 13.42 1.13 -11.84
C THR A 101 14.61 1.73 -12.59
N LEU A 102 14.70 1.37 -13.87
CA LEU A 102 15.74 1.88 -14.76
C LEU A 102 14.97 2.44 -15.95
N VAL A 103 15.17 3.72 -16.25
CA VAL A 103 14.48 4.35 -17.37
C VAL A 103 15.45 4.76 -18.47
N PHE A 104 15.23 4.24 -19.67
CA PHE A 104 16.07 4.54 -20.82
C PHE A 104 15.45 5.62 -21.71
N ASN A 105 16.26 6.60 -22.11
CA ASN A 105 15.80 7.62 -23.04
C ASN A 105 16.08 6.96 -24.39
N MET A 106 15.02 6.59 -25.10
CA MET A 106 15.15 5.92 -26.39
C MET A 106 15.21 6.89 -27.55
N GLY A 107 15.07 8.18 -27.24
CA GLY A 107 15.08 9.20 -28.28
C GLY A 107 13.69 9.36 -28.86
N ASN A 108 13.47 10.42 -29.63
CA ASN A 108 12.19 10.67 -30.26
C ASN A 108 11.02 10.68 -29.24
N ASN A 109 11.29 11.23 -28.07
CA ASN A 109 10.30 11.33 -26.99
C ASN A 109 9.74 9.98 -26.53
N GLU A 110 10.56 8.94 -26.58
CA GLU A 110 10.14 7.63 -26.12
C GLU A 110 11.06 7.18 -24.99
N TYR A 111 10.48 6.62 -23.94
CA TYR A 111 11.23 6.15 -22.80
C TYR A 111 10.83 4.72 -22.46
N LEU A 112 11.84 3.91 -22.14
CA LEU A 112 11.61 2.51 -21.80
C LEU A 112 11.96 2.29 -20.34
N MET A 113 10.99 1.85 -19.56
CA MET A 113 11.22 1.59 -18.14
C MET A 113 11.30 0.11 -17.85
N ILE A 114 12.40 -0.31 -17.22
CA ILE A 114 12.58 -1.70 -16.82
C ILE A 114 12.27 -1.68 -15.32
N CYS A 115 11.32 -2.50 -14.90
CA CYS A 115 10.96 -2.53 -13.49
C CYS A 115 10.88 -3.95 -12.97
N ASP A 116 10.61 -4.08 -11.68
CA ASP A 116 10.57 -5.40 -11.08
C ASP A 116 9.41 -6.28 -11.47
N SER A 117 9.69 -7.56 -11.56
CA SER A 117 8.65 -8.49 -11.92
C SER A 117 7.52 -8.48 -10.88
N ASP A 118 7.84 -8.27 -9.61
CA ASP A 118 6.77 -8.26 -8.61
C ASP A 118 6.08 -6.91 -8.45
N ALA A 119 6.37 -5.97 -9.36
CA ALA A 119 5.77 -4.66 -9.25
C ALA A 119 5.25 -4.02 -10.53
N PHE A 120 5.50 -4.64 -11.69
CA PHE A 120 5.08 -4.01 -12.94
C PHE A 120 3.58 -3.83 -13.14
N GLU A 121 2.77 -4.74 -12.61
CA GLU A 121 1.33 -4.60 -12.77
C GLU A 121 0.85 -3.40 -11.96
N LYS A 122 1.40 -3.26 -10.74
CA LYS A 122 1.05 -2.11 -9.90
C LYS A 122 1.50 -0.82 -10.57
N LEU A 123 2.73 -0.81 -11.08
CA LEU A 123 3.24 0.38 -11.74
C LEU A 123 2.43 0.78 -12.96
N TYR A 124 2.07 -0.21 -13.79
CA TYR A 124 1.29 0.09 -14.98
C TYR A 124 -0.05 0.70 -14.60
N ALA A 125 -0.70 0.16 -13.57
CA ALA A 125 -1.98 0.70 -13.11
C ALA A 125 -1.79 2.11 -12.54
N TRP A 126 -0.76 2.34 -11.77
CA TRP A 126 -0.34 3.61 -11.20
C TRP A 126 -0.23 4.68 -12.27
N PHE A 127 0.70 4.42 -13.20
CA PHE A 127 0.95 5.38 -14.29
C PHE A 127 -0.27 5.59 -15.17
N THR A 128 -0.99 4.52 -15.47
CA THR A 128 -2.18 4.63 -16.31
C THR A 128 -3.26 5.47 -15.64
N TYR A 129 -3.50 5.27 -14.35
CA TYR A 129 -4.51 6.06 -13.69
C TYR A 129 -4.07 7.50 -13.45
N LEU A 130 -2.77 7.72 -13.31
CA LEU A 130 -2.28 9.10 -13.14
C LEU A 130 -2.53 9.81 -14.47
N LYS A 131 -2.26 9.11 -15.57
CA LYS A 131 -2.48 9.67 -16.90
C LYS A 131 -3.95 10.00 -17.12
N ARG A 132 -4.84 9.06 -16.78
CA ARG A 132 -6.27 9.27 -16.94
C ARG A 132 -6.78 10.39 -16.05
N THR A 133 -6.18 10.54 -14.87
CA THR A 133 -6.60 11.61 -13.98
C THR A 133 -6.30 12.94 -14.65
N ILE A 134 -5.11 13.07 -15.23
CA ILE A 134 -4.72 14.30 -15.91
C ILE A 134 -5.67 14.54 -17.09
N GLU A 135 -5.96 13.49 -17.85
CA GLU A 135 -6.81 13.59 -19.02
C GLU A 135 -8.26 13.99 -18.74
N GLN A 136 -8.64 14.00 -17.47
CA GLN A 136 -10.00 14.42 -17.12
C GLN A 136 -10.06 15.94 -17.26
N PHE A 137 -8.88 16.58 -17.23
CA PHE A 137 -8.80 18.04 -17.28
C PHE A 137 -8.11 18.65 -18.50
N THR A 138 -7.32 17.85 -19.21
CA THR A 138 -6.62 18.35 -20.39
C THR A 138 -6.17 17.22 -21.29
N LYS A 139 -6.00 17.51 -22.57
CA LYS A 139 -5.53 16.51 -23.51
C LYS A 139 -4.02 16.38 -23.33
N LEU A 140 -3.50 15.16 -23.51
CA LEU A 140 -2.09 14.89 -23.38
C LEU A 140 -1.56 14.12 -24.56
N ASP A 141 -0.28 14.31 -24.82
CA ASP A 141 0.35 13.57 -25.89
C ASP A 141 1.22 12.61 -25.12
N LEU A 142 0.58 11.55 -24.66
CA LEU A 142 1.25 10.55 -23.85
C LEU A 142 0.59 9.20 -24.00
N GLU A 143 1.40 8.21 -24.36
CA GLU A 143 0.94 6.85 -24.50
C GLU A 143 1.79 6.03 -23.52
N ILE A 144 1.14 5.14 -22.77
CA ILE A 144 1.85 4.30 -21.82
C ILE A 144 1.44 2.87 -22.16
N GLU A 145 2.40 2.08 -22.60
CA GLU A 145 2.15 0.71 -23.02
C GLU A 145 2.89 -0.35 -22.22
N LEU A 146 2.18 -1.39 -21.82
CA LEU A 146 2.76 -2.50 -21.07
C LEU A 146 3.38 -3.45 -22.10
N LYS A 147 4.67 -3.70 -21.98
CA LYS A 147 5.38 -4.57 -22.92
C LYS A 147 6.05 -5.78 -22.30
N THR A 148 5.80 -6.00 -21.02
CA THR A 148 6.40 -7.11 -20.29
C THR A 148 6.31 -8.48 -20.97
N TYR A 149 5.13 -8.81 -21.46
CA TYR A 149 4.91 -10.10 -22.10
C TYR A 149 5.38 -10.15 -23.55
N ASP A 150 5.64 -8.99 -24.13
CA ASP A 150 6.07 -8.89 -25.52
C ASP A 150 7.58 -8.92 -25.69
N ILE A 151 8.30 -8.49 -24.66
CA ILE A 151 9.76 -8.41 -24.71
C ILE A 151 10.49 -9.50 -23.93
N ALA A 152 11.32 -10.25 -24.65
CA ALA A 152 12.14 -11.28 -24.03
C ALA A 152 13.40 -10.52 -23.63
N MET A 153 13.93 -10.82 -22.44
CA MET A 153 15.11 -10.12 -21.95
C MET A 153 16.09 -11.11 -21.33
N PHE A 154 17.33 -11.07 -21.80
CA PHE A 154 18.37 -11.96 -21.27
C PHE A 154 19.52 -11.15 -20.71
N ALA A 155 20.10 -11.63 -19.62
CA ALA A 155 21.24 -10.94 -19.00
C ALA A 155 22.47 -11.85 -19.11
N VAL A 156 23.54 -11.33 -19.70
CA VAL A 156 24.79 -12.08 -19.87
C VAL A 156 25.78 -11.38 -18.97
N GLN A 157 26.24 -12.10 -17.94
CA GLN A 157 27.10 -11.52 -16.92
C GLN A 157 28.39 -12.27 -16.60
N GLY A 158 29.44 -11.51 -16.29
CA GLY A 158 30.70 -12.13 -15.94
C GLY A 158 31.91 -11.50 -16.59
N PRO A 159 33.12 -11.85 -16.13
CA PRO A 159 34.36 -11.31 -16.69
C PRO A 159 34.58 -11.65 -18.17
N LYS A 160 33.84 -12.61 -18.69
CA LYS A 160 33.97 -12.98 -20.10
C LYS A 160 32.80 -12.50 -20.96
N ALA A 161 31.87 -11.79 -20.34
CA ALA A 161 30.71 -11.29 -21.08
C ALA A 161 31.14 -10.33 -22.18
N ARG A 162 32.18 -9.56 -21.91
CA ARG A 162 32.64 -8.64 -22.90
C ARG A 162 33.17 -9.32 -24.15
N ASP A 163 34.01 -10.34 -23.98
CA ASP A 163 34.54 -11.03 -25.14
C ASP A 163 33.41 -11.71 -25.89
N LEU A 164 32.42 -12.23 -25.14
CA LEU A 164 31.29 -12.90 -25.76
C LEU A 164 30.47 -11.92 -26.61
N ALA A 165 30.27 -10.72 -26.11
CA ALA A 165 29.49 -9.71 -26.84
C ALA A 165 30.23 -9.30 -28.10
N LYS A 166 31.55 -9.35 -28.04
CA LYS A 166 32.36 -8.98 -29.19
C LYS A 166 32.20 -10.06 -30.25
N ASP A 167 32.19 -11.32 -29.84
CA ASP A 167 32.02 -12.41 -30.80
C ASP A 167 30.64 -12.38 -31.44
N LEU A 168 29.61 -12.05 -30.66
CA LEU A 168 28.24 -12.02 -31.15
C LEU A 168 27.82 -10.81 -31.96
N PHE A 169 28.17 -9.62 -31.48
CA PHE A 169 27.75 -8.38 -32.12
C PHE A 169 28.86 -7.53 -32.74
N GLY A 170 30.11 -7.84 -32.43
CA GLY A 170 31.19 -7.06 -32.98
C GLY A 170 31.34 -5.70 -32.32
N ILE A 171 30.83 -5.58 -31.09
CA ILE A 171 30.93 -4.34 -30.34
C ILE A 171 31.74 -4.60 -29.07
N ASP A 172 32.24 -3.53 -28.47
CA ASP A 172 33.01 -3.64 -27.24
C ASP A 172 32.22 -2.93 -26.15
N ILE A 173 31.60 -3.68 -25.25
CA ILE A 173 30.80 -3.06 -24.21
C ILE A 173 31.63 -2.20 -23.26
N ASN A 174 32.93 -2.41 -23.22
CA ASN A 174 33.79 -1.62 -22.35
C ASN A 174 33.91 -0.18 -22.84
N GLU A 175 33.46 0.07 -24.06
CA GLU A 175 33.51 1.42 -24.63
C GLU A 175 32.19 2.14 -24.35
N MET A 176 31.26 1.42 -23.74
CA MET A 176 29.96 1.97 -23.39
C MET A 176 29.95 2.33 -21.92
N TRP A 177 29.24 3.39 -21.54
CA TRP A 177 29.18 3.71 -20.12
C TRP A 177 28.05 2.88 -19.52
N TRP A 178 28.07 2.71 -18.19
CA TRP A 178 27.03 1.91 -17.54
C TRP A 178 25.65 2.52 -17.78
N PHE A 179 24.73 1.67 -18.22
CA PHE A 179 23.36 2.04 -18.55
C PHE A 179 23.23 2.57 -19.97
N GLN A 180 24.32 2.63 -20.72
CA GLN A 180 24.22 3.07 -22.11
C GLN A 180 23.69 1.88 -22.90
N ALA A 181 22.98 2.15 -23.99
CA ALA A 181 22.44 1.06 -24.80
C ALA A 181 22.58 1.38 -26.28
N ARG A 182 22.40 0.36 -27.11
CA ARG A 182 22.50 0.54 -28.55
C ARG A 182 21.77 -0.58 -29.27
N TRP A 183 21.32 -0.30 -30.49
CA TRP A 183 20.62 -1.29 -31.27
C TRP A 183 21.60 -2.20 -31.99
N VAL A 184 21.43 -3.51 -31.84
CA VAL A 184 22.31 -4.48 -32.48
C VAL A 184 21.47 -5.52 -33.20
N GLU A 185 22.14 -6.49 -33.81
CA GLU A 185 21.44 -7.53 -34.54
C GLU A 185 22.24 -8.84 -34.46
N LEU A 186 21.53 -9.96 -34.45
CA LEU A 186 22.17 -11.27 -34.41
C LEU A 186 21.38 -12.21 -35.32
N ASP A 187 22.05 -12.70 -36.35
CA ASP A 187 21.43 -13.60 -37.32
C ASP A 187 20.09 -13.06 -37.83
N GLY A 188 20.07 -11.78 -38.16
CA GLY A 188 18.88 -11.15 -38.68
C GLY A 188 17.87 -10.71 -37.64
N ILE A 189 18.17 -10.96 -36.37
CA ILE A 189 17.26 -10.59 -35.29
C ILE A 189 17.68 -9.30 -34.60
N LYS A 190 16.81 -8.30 -34.66
CA LYS A 190 17.05 -7.00 -34.05
C LYS A 190 16.80 -7.05 -32.55
N MET A 191 17.64 -6.35 -31.79
CA MET A 191 17.46 -6.29 -30.34
C MET A 191 18.22 -5.12 -29.76
N LEU A 192 17.77 -4.65 -28.59
CA LEU A 192 18.43 -3.55 -27.91
C LEU A 192 19.44 -4.21 -26.97
N LEU A 193 20.59 -3.56 -26.79
CA LEU A 193 21.60 -4.08 -25.90
C LEU A 193 22.06 -2.98 -24.96
N SER A 194 22.05 -3.26 -23.66
CA SER A 194 22.48 -2.28 -22.69
C SER A 194 23.60 -2.89 -21.88
N ARG A 195 24.48 -2.03 -21.39
CA ARG A 195 25.55 -2.53 -20.56
C ARG A 195 24.96 -2.23 -19.19
N SER A 196 24.62 -3.31 -18.53
CA SER A 196 23.95 -3.28 -17.25
C SER A 196 24.02 -4.68 -16.64
N GLY A 197 23.55 -4.80 -15.41
CA GLY A 197 23.58 -6.07 -14.73
C GLY A 197 23.17 -5.95 -13.28
N TYR A 198 22.92 -7.12 -12.68
CA TYR A 198 22.47 -7.28 -11.31
C TYR A 198 23.38 -8.21 -10.53
N THR A 199 24.62 -8.37 -11.00
CA THR A 199 25.54 -9.30 -10.39
C THR A 199 26.79 -8.74 -9.76
N GLY A 200 27.13 -7.51 -10.10
CA GLY A 200 28.34 -6.90 -9.59
C GLY A 200 29.45 -7.05 -10.63
N GLU A 201 29.22 -7.92 -11.61
CA GLU A 201 30.20 -8.14 -12.67
C GLU A 201 29.89 -7.27 -13.87
N ASN A 202 30.81 -7.24 -14.83
CA ASN A 202 30.58 -6.50 -16.06
C ASN A 202 29.55 -7.37 -16.81
N GLY A 203 28.85 -6.78 -17.77
CA GLY A 203 27.88 -7.56 -18.50
C GLY A 203 26.97 -6.73 -19.37
N PHE A 204 26.02 -7.39 -20.01
CA PHE A 204 25.07 -6.70 -20.86
C PHE A 204 23.74 -7.41 -20.80
N GLU A 205 22.71 -6.73 -21.29
CA GLU A 205 21.38 -7.30 -21.33
C GLU A 205 20.79 -6.99 -22.69
N VAL A 206 20.06 -7.96 -23.25
CA VAL A 206 19.43 -7.74 -24.55
C VAL A 206 17.92 -7.80 -24.39
N TYR A 207 17.23 -6.99 -25.19
CA TYR A 207 15.78 -6.89 -25.15
C TYR A 207 15.27 -7.21 -26.54
N ILE A 208 14.54 -8.31 -26.65
CA ILE A 208 14.04 -8.81 -27.93
C ILE A 208 12.52 -8.83 -28.05
N GLU A 209 11.98 -8.21 -29.09
CA GLU A 209 10.54 -8.25 -29.31
C GLU A 209 10.27 -9.53 -30.06
N ASP A 210 9.44 -10.40 -29.49
CA ASP A 210 9.12 -11.67 -30.14
C ASP A 210 7.81 -12.22 -29.60
N ALA A 211 7.22 -13.13 -30.37
CA ALA A 211 5.96 -13.74 -29.96
C ALA A 211 6.18 -14.60 -28.71
N ASN A 212 5.22 -14.52 -27.80
CA ASN A 212 5.26 -15.27 -26.54
C ASN A 212 4.13 -16.29 -26.59
N PRO A 213 4.47 -17.59 -26.63
CA PRO A 213 3.40 -18.60 -26.69
C PRO A 213 2.48 -18.59 -25.48
N TYR A 214 2.94 -17.98 -24.39
CA TYR A 214 2.17 -17.90 -23.15
C TYR A 214 1.65 -16.50 -22.88
N HIS A 215 1.57 -15.68 -23.91
CA HIS A 215 1.09 -14.31 -23.77
C HIS A 215 -0.35 -14.31 -23.23
N PRO A 216 -0.64 -13.40 -22.28
CA PRO A 216 -2.00 -13.32 -21.71
C PRO A 216 -3.03 -13.07 -22.81
N ASP A 217 -2.63 -12.32 -23.83
CA ASP A 217 -3.51 -12.02 -24.96
C ASP A 217 -3.37 -13.16 -25.95
N GLU A 218 -4.39 -14.00 -26.03
CA GLU A 218 -4.37 -15.15 -26.94
C GLU A 218 -4.03 -14.79 -28.38
N SER A 219 -4.52 -13.64 -28.84
CA SER A 219 -4.28 -13.22 -30.21
C SER A 219 -2.84 -12.82 -30.52
N LYS A 220 -2.01 -12.68 -29.49
CA LYS A 220 -0.62 -12.30 -29.69
C LYS A 220 0.34 -13.47 -29.51
N ARG A 221 -0.19 -14.64 -29.23
CA ARG A 221 0.63 -15.82 -29.03
C ARG A 221 1.28 -16.37 -30.29
N GLY A 222 2.46 -16.95 -30.13
CA GLY A 222 3.17 -17.52 -31.26
C GLY A 222 4.46 -18.18 -30.79
N GLU A 223 5.12 -18.88 -31.70
CA GLU A 223 6.37 -19.57 -31.40
C GLU A 223 7.44 -18.52 -31.09
N PRO A 224 8.21 -18.70 -30.01
CA PRO A 224 9.27 -17.75 -29.63
C PRO A 224 10.55 -18.04 -30.43
N GLU A 225 10.39 -18.15 -31.74
CA GLU A 225 11.49 -18.47 -32.65
C GLU A 225 12.73 -17.58 -32.50
N LYS A 226 12.53 -16.26 -32.44
CA LYS A 226 13.64 -15.34 -32.32
C LYS A 226 14.30 -15.38 -30.95
N ALA A 227 13.49 -15.31 -29.90
CA ALA A 227 14.03 -15.33 -28.55
C ALA A 227 14.83 -16.61 -28.30
N LEU A 228 14.27 -17.76 -28.72
CA LEU A 228 14.96 -19.02 -28.51
C LEU A 228 16.25 -19.09 -29.33
N HIS A 229 16.22 -18.55 -30.54
CA HIS A 229 17.41 -18.58 -31.37
C HIS A 229 18.53 -17.81 -30.70
N VAL A 230 18.22 -16.61 -30.22
CA VAL A 230 19.22 -15.79 -29.55
C VAL A 230 19.76 -16.50 -28.31
N TRP A 231 18.86 -17.10 -27.53
CA TRP A 231 19.25 -17.81 -26.33
C TRP A 231 20.26 -18.92 -26.67
N GLU A 232 19.90 -19.77 -27.62
CA GLU A 232 20.78 -20.86 -28.00
C GLU A 232 22.08 -20.39 -28.65
N ARG A 233 22.03 -19.30 -29.41
CA ARG A 233 23.23 -18.76 -30.05
C ARG A 233 24.21 -18.24 -29.01
N ILE A 234 23.69 -17.60 -27.96
CA ILE A 234 24.56 -17.08 -26.92
C ILE A 234 25.21 -18.24 -26.17
N LEU A 235 24.46 -19.31 -25.92
CA LEU A 235 25.01 -20.47 -25.24
C LEU A 235 26.05 -21.13 -26.13
N GLU A 236 25.84 -21.07 -27.44
CA GLU A 236 26.77 -21.66 -28.40
C GLU A 236 28.08 -20.90 -28.42
N GLU A 237 28.03 -19.60 -28.67
CA GLU A 237 29.22 -18.77 -28.71
C GLU A 237 29.87 -18.68 -27.34
N GLY A 238 29.09 -18.89 -26.29
CA GLY A 238 29.63 -18.82 -24.95
C GLY A 238 30.34 -20.07 -24.46
N LYS A 239 30.20 -21.16 -25.21
CA LYS A 239 30.82 -22.42 -24.80
C LYS A 239 32.34 -22.30 -24.62
N LYS A 240 32.99 -21.58 -25.53
CA LYS A 240 34.44 -21.41 -25.45
C LYS A 240 34.85 -20.67 -24.18
N TYR A 241 33.90 -19.97 -23.56
CA TYR A 241 34.18 -19.22 -22.33
C TYR A 241 33.67 -19.94 -21.08
N GLY A 242 33.09 -21.11 -21.26
CA GLY A 242 32.56 -21.87 -20.13
C GLY A 242 31.25 -21.32 -19.62
N ILE A 243 30.43 -20.80 -20.53
CA ILE A 243 29.15 -20.24 -20.15
C ILE A 243 28.22 -21.28 -19.56
N LYS A 244 27.33 -20.83 -18.68
CA LYS A 244 26.35 -21.70 -18.04
C LYS A 244 25.02 -20.97 -17.96
N PRO A 245 23.90 -21.69 -18.16
CA PRO A 245 22.61 -21.02 -18.07
C PRO A 245 22.42 -20.85 -16.57
N CYS A 246 21.98 -19.68 -16.14
CA CYS A 246 21.82 -19.42 -14.72
C CYS A 246 20.38 -19.11 -14.33
N GLY A 247 19.91 -19.74 -13.27
CA GLY A 247 18.56 -19.54 -12.80
C GLY A 247 18.40 -18.42 -11.79
N LEU A 248 17.18 -18.28 -11.27
CA LEU A 248 16.90 -17.22 -10.30
C LEU A 248 17.60 -17.41 -8.96
N GLY A 249 18.00 -18.63 -8.66
CA GLY A 249 18.70 -18.90 -7.42
C GLY A 249 20.02 -18.15 -7.39
N ALA A 250 20.81 -18.31 -8.45
CA ALA A 250 22.10 -17.63 -8.55
C ALA A 250 21.89 -16.13 -8.75
N ARG A 251 20.79 -15.75 -9.39
CA ARG A 251 20.53 -14.32 -9.59
C ARG A 251 20.46 -13.68 -8.22
N ASP A 252 19.83 -14.36 -7.27
CA ASP A 252 19.70 -13.82 -5.92
C ASP A 252 21.00 -13.87 -5.13
N THR A 253 21.76 -14.96 -5.23
CA THR A 253 23.02 -15.02 -4.49
C THR A 253 24.03 -14.00 -5.00
N LEU A 254 24.02 -13.77 -6.32
CA LEU A 254 24.94 -12.81 -6.91
C LEU A 254 24.59 -11.38 -6.52
N ARG A 255 23.31 -11.03 -6.58
CA ARG A 255 22.92 -9.67 -6.22
C ARG A 255 23.16 -9.41 -4.74
N LEU A 256 22.96 -10.43 -3.90
CA LEU A 256 23.18 -10.24 -2.47
C LEU A 256 24.67 -10.03 -2.16
N GLU A 257 25.53 -10.81 -2.82
CA GLU A 257 26.96 -10.65 -2.63
C GLU A 257 27.41 -9.26 -3.04
N ALA A 258 26.80 -8.73 -4.10
CA ALA A 258 27.14 -7.39 -4.57
C ALA A 258 26.55 -6.38 -3.58
N GLY A 259 25.50 -6.80 -2.88
CA GLY A 259 24.87 -5.95 -1.90
C GLY A 259 23.60 -5.23 -2.35
N TYR A 260 23.17 -5.50 -3.58
CA TYR A 260 21.99 -4.84 -4.11
C TYR A 260 20.68 -5.17 -3.39
N THR A 261 19.78 -4.19 -3.39
CA THR A 261 18.47 -4.36 -2.78
C THR A 261 17.55 -5.09 -3.76
N LEU A 262 16.48 -5.66 -3.23
CA LEU A 262 15.49 -6.36 -4.06
C LEU A 262 14.14 -5.83 -3.62
N TYR A 263 13.38 -5.28 -4.56
CA TYR A 263 12.09 -4.76 -4.17
C TYR A 263 11.18 -5.89 -3.70
N GLY A 264 10.51 -5.65 -2.58
CA GLY A 264 9.63 -6.64 -1.99
C GLY A 264 10.33 -7.17 -0.74
N ASN A 265 11.65 -7.06 -0.71
CA ASN A 265 12.45 -7.52 0.43
C ASN A 265 13.02 -6.32 1.20
N GLU A 266 13.95 -5.60 0.60
CA GLU A 266 14.55 -4.44 1.26
C GLU A 266 13.69 -3.20 1.09
N THR A 267 13.18 -2.99 -0.11
CA THR A 267 12.33 -1.84 -0.41
C THR A 267 10.91 -2.32 -0.60
N LYS A 268 9.95 -1.46 -0.27
CA LYS A 268 8.54 -1.80 -0.33
C LYS A 268 7.73 -0.59 0.12
N GLU A 269 6.41 -0.66 -0.03
CA GLU A 269 5.53 0.39 0.46
C GLU A 269 4.51 -0.30 1.36
N LEU A 270 4.45 0.15 2.60
CA LEU A 270 3.56 -0.46 3.58
C LEU A 270 2.18 0.22 3.71
N GLN A 271 2.07 1.45 3.23
CA GLN A 271 0.85 2.24 3.36
C GLN A 271 0.44 2.22 4.84
N LEU A 272 1.39 2.61 5.67
CA LEU A 272 1.20 2.65 7.11
C LEU A 272 -0.02 3.49 7.49
N LEU A 273 -0.64 3.11 8.59
CA LEU A 273 -1.78 3.85 9.10
C LEU A 273 -1.28 4.98 10.01
N SER A 274 -2.14 5.98 10.17
CA SER A 274 -1.88 7.08 11.09
C SER A 274 -0.54 7.81 11.06
N THR A 275 -0.07 8.17 9.88
CA THR A 275 1.18 8.91 9.79
C THR A 275 1.26 9.65 8.46
N ASP A 276 2.13 10.65 8.39
CA ASP A 276 2.31 11.41 7.18
C ASP A 276 3.56 10.97 6.41
N ILE A 277 4.25 9.95 6.92
CA ILE A 277 5.44 9.42 6.26
C ILE A 277 5.31 7.90 6.19
N ASP A 278 5.26 7.36 4.98
CA ASP A 278 5.14 5.92 4.81
C ASP A 278 6.55 5.33 4.77
N GLU A 279 6.65 4.01 4.75
CA GLU A 279 7.93 3.32 4.70
C GLU A 279 7.76 2.17 3.71
N VAL A 280 8.83 1.68 3.07
CA VAL A 280 10.22 2.11 3.23
C VAL A 280 10.59 3.19 2.22
N THR A 281 11.20 4.28 2.69
CA THR A 281 11.58 5.37 1.80
C THR A 281 13.02 5.24 1.30
N PRO A 282 13.42 6.05 0.32
CA PRO A 282 14.79 5.98 -0.21
C PRO A 282 15.81 6.32 0.87
N LEU A 283 15.41 7.15 1.83
CA LEU A 283 16.30 7.58 2.90
C LEU A 283 16.56 6.47 3.91
N GLN A 284 15.65 5.50 3.97
CA GLN A 284 15.80 4.37 4.88
C GLN A 284 16.51 3.21 4.20
N ALA A 285 16.66 3.31 2.88
CA ALA A 285 17.30 2.24 2.11
C ALA A 285 18.63 2.64 1.49
N ASN A 286 19.13 3.82 1.86
CA ASN A 286 20.41 4.32 1.35
C ASN A 286 20.40 4.47 -0.17
N LEU A 287 19.28 4.97 -0.69
CA LEU A 287 19.14 5.18 -2.13
C LEU A 287 18.93 6.66 -2.44
N GLU A 288 19.43 7.55 -1.59
CA GLU A 288 19.25 8.98 -1.80
C GLU A 288 19.91 9.49 -3.08
N PHE A 289 20.90 8.77 -3.58
CA PHE A 289 21.60 9.18 -4.80
C PHE A 289 20.67 9.17 -6.01
N ALA A 290 19.55 8.47 -5.89
CA ALA A 290 18.58 8.40 -6.99
C ALA A 290 17.60 9.55 -6.98
N ILE A 291 17.77 10.48 -6.05
CA ILE A 291 16.87 11.63 -5.94
C ILE A 291 17.48 12.92 -6.46
N TYR A 292 16.74 13.58 -7.34
CA TYR A 292 17.14 14.88 -7.89
C TYR A 292 16.27 15.85 -7.11
N TRP A 293 16.82 16.40 -6.04
CA TRP A 293 16.09 17.31 -5.15
C TRP A 293 15.63 18.64 -5.73
N ASP A 294 16.26 19.10 -6.80
CA ASP A 294 15.89 20.41 -7.37
C ASP A 294 14.69 20.42 -8.30
N LYS A 295 13.80 19.46 -8.14
CA LYS A 295 12.57 19.39 -8.91
C LYS A 295 11.52 18.88 -7.95
N ASP A 296 10.26 18.95 -8.35
CA ASP A 296 9.21 18.44 -7.49
C ASP A 296 8.82 17.07 -8.04
N PHE A 297 8.37 16.19 -7.16
CA PHE A 297 7.97 14.85 -7.57
C PHE A 297 7.09 14.24 -6.49
N ILE A 298 6.32 13.23 -6.86
CA ILE A 298 5.41 12.59 -5.93
C ILE A 298 6.15 11.97 -4.75
N GLY A 299 5.73 12.34 -3.54
CA GLY A 299 6.34 11.83 -2.34
C GLY A 299 7.44 12.69 -1.74
N LYS A 300 7.85 13.73 -2.46
CA LYS A 300 8.93 14.61 -1.98
C LYS A 300 8.69 15.22 -0.61
N ASP A 301 7.48 15.72 -0.37
CA ASP A 301 7.17 16.36 0.92
C ASP A 301 7.44 15.44 2.10
N ALA A 302 7.07 14.17 1.97
CA ALA A 302 7.27 13.22 3.05
C ALA A 302 8.75 13.00 3.33
N LEU A 303 9.57 13.02 2.29
CA LEU A 303 11.00 12.83 2.48
C LEU A 303 11.60 14.01 3.22
N LEU A 304 11.13 15.22 2.91
CA LEU A 304 11.64 16.41 3.58
C LEU A 304 11.27 16.34 5.06
N LYS A 305 10.06 15.88 5.36
CA LYS A 305 9.61 15.75 6.73
C LYS A 305 10.42 14.68 7.44
N GLN A 306 10.72 13.59 6.74
CA GLN A 306 11.48 12.50 7.34
C GLN A 306 12.88 12.96 7.72
N LYS A 307 13.45 13.87 6.94
CA LYS A 307 14.78 14.37 7.24
C LYS A 307 14.77 15.20 8.52
N GLU A 308 13.67 15.89 8.78
CA GLU A 308 13.55 16.71 9.97
C GLU A 308 13.37 15.89 11.24
N ARG A 309 12.74 14.73 11.10
CA ARG A 309 12.46 13.88 12.25
C ARG A 309 13.42 12.72 12.47
N GLY A 310 14.08 12.29 11.40
CA GLY A 310 15.00 11.16 11.50
C GLY A 310 14.37 9.98 10.79
N VAL A 311 15.17 9.15 10.13
CA VAL A 311 14.61 8.02 9.39
C VAL A 311 14.23 6.82 10.25
N GLY A 312 14.72 6.77 11.48
CA GLY A 312 14.37 5.67 12.38
C GLY A 312 15.08 4.35 12.15
N ARG A 313 14.91 3.79 10.96
CA ARG A 313 15.52 2.50 10.62
C ARG A 313 16.25 2.61 9.28
N LYS A 314 17.27 1.77 9.11
CA LYS A 314 18.06 1.74 7.87
C LYS A 314 18.49 0.32 7.58
N LEU A 315 18.89 0.08 6.33
CA LEU A 315 19.35 -1.23 5.93
C LEU A 315 20.82 -1.39 6.34
N VAL A 316 21.19 -2.63 6.64
CA VAL A 316 22.57 -2.93 7.00
C VAL A 316 22.91 -4.31 6.46
N HIS A 317 24.11 -4.45 5.92
CA HIS A 317 24.57 -5.73 5.37
C HIS A 317 25.34 -6.44 6.47
N PHE A 318 25.26 -7.77 6.49
CA PHE A 318 25.97 -8.52 7.51
C PHE A 318 26.36 -9.90 7.00
N LYS A 319 27.34 -10.51 7.64
CA LYS A 319 27.76 -11.85 7.26
C LYS A 319 27.81 -12.69 8.52
N MET A 320 27.47 -13.96 8.39
CA MET A 320 27.47 -14.86 9.54
C MET A 320 28.88 -15.25 9.92
N ILE A 321 29.07 -15.50 11.21
CA ILE A 321 30.34 -15.96 11.73
C ILE A 321 30.09 -17.42 12.06
N ASP A 322 28.98 -17.69 12.75
CA ASP A 322 28.58 -19.06 13.08
C ASP A 322 27.85 -19.64 11.88
N LYS A 323 27.39 -20.90 11.94
CA LYS A 323 26.65 -21.46 10.82
C LYS A 323 25.15 -21.07 10.93
N GLY A 324 24.44 -21.19 9.81
CA GLY A 324 23.03 -20.86 9.74
C GLY A 324 22.94 -19.90 8.60
N ILE A 325 21.83 -20.02 7.91
CA ILE A 325 21.60 -19.17 6.77
C ILE A 325 20.50 -18.26 7.22
N PRO A 326 20.75 -16.95 7.21
CA PRO A 326 19.71 -15.99 7.61
C PRO A 326 18.68 -15.95 6.50
N ARG A 327 17.43 -15.66 6.85
CA ARG A 327 16.36 -15.58 5.87
C ARG A 327 15.40 -14.47 6.28
N GLU A 328 14.60 -14.00 5.34
CA GLU A 328 13.65 -12.93 5.62
C GLU A 328 12.78 -13.22 6.84
N GLY A 329 12.64 -12.22 7.70
CA GLY A 329 11.81 -12.38 8.89
C GLY A 329 12.56 -12.70 10.17
N TYR A 330 13.73 -13.31 10.05
CA TYR A 330 14.52 -13.65 11.24
C TYR A 330 14.87 -12.42 12.07
N LYS A 331 14.69 -12.52 13.38
CA LYS A 331 14.98 -11.40 14.27
C LYS A 331 16.48 -11.20 14.45
N VAL A 332 16.87 -9.92 14.55
CA VAL A 332 18.27 -9.54 14.71
C VAL A 332 18.48 -8.86 16.06
N TYR A 333 19.54 -9.24 16.76
CA TYR A 333 19.86 -8.68 18.07
C TYR A 333 21.27 -8.09 18.16
N ALA A 334 21.43 -7.14 19.08
CA ALA A 334 22.72 -6.50 19.32
C ALA A 334 22.78 -6.27 20.82
N ASN A 335 23.76 -6.88 21.49
CA ASN A 335 23.93 -6.75 22.93
C ASN A 335 22.69 -7.25 23.67
N GLY A 336 21.98 -8.19 23.06
CA GLY A 336 20.79 -8.74 23.67
C GLY A 336 19.51 -8.00 23.33
N GLU A 337 19.63 -6.80 22.79
CA GLU A 337 18.43 -6.06 22.45
C GLU A 337 18.07 -6.17 20.98
N MET A 338 16.81 -6.54 20.75
CA MET A 338 16.31 -6.68 19.37
C MET A 338 16.35 -5.41 18.56
N ILE A 339 17.12 -5.40 17.47
CA ILE A 339 17.23 -4.18 16.69
C ILE A 339 16.55 -4.19 15.32
N GLY A 340 15.99 -5.31 14.92
CA GLY A 340 15.32 -5.36 13.63
C GLY A 340 15.11 -6.78 13.11
N GLU A 341 14.90 -6.88 11.80
CA GLU A 341 14.67 -8.19 11.19
C GLU A 341 15.42 -8.29 9.87
N VAL A 342 15.76 -9.52 9.49
CA VAL A 342 16.45 -9.77 8.24
C VAL A 342 15.46 -9.53 7.10
N THR A 343 15.95 -8.93 6.01
CA THR A 343 15.09 -8.69 4.85
C THR A 343 15.42 -9.67 3.72
N SER A 344 16.70 -10.07 3.63
CA SER A 344 17.18 -11.04 2.65
C SER A 344 18.34 -11.80 3.25
N GLY A 345 18.46 -13.08 2.89
CA GLY A 345 19.55 -13.90 3.41
C GLY A 345 19.79 -15.09 2.50
N THR A 346 21.03 -15.57 2.48
CA THR A 346 21.37 -16.73 1.65
C THR A 346 22.77 -17.20 1.97
N LEU A 347 23.13 -18.36 1.41
CA LEU A 347 24.46 -18.91 1.60
C LEU A 347 25.32 -18.38 0.46
N SER A 348 26.38 -17.65 0.78
CA SER A 348 27.28 -17.12 -0.24
C SER A 348 28.14 -18.23 -0.83
N PRO A 349 28.08 -18.44 -2.14
CA PRO A 349 28.89 -19.49 -2.76
C PRO A 349 30.40 -19.22 -2.66
N LEU A 350 30.75 -17.94 -2.63
CA LEU A 350 32.15 -17.51 -2.54
C LEU A 350 32.72 -17.62 -1.13
N LEU A 351 32.01 -17.03 -0.18
CA LEU A 351 32.42 -17.03 1.20
C LEU A 351 32.10 -18.34 1.90
N ASN A 352 30.98 -18.93 1.51
CA ASN A 352 30.58 -20.19 2.08
C ASN A 352 30.13 -20.04 3.52
N VAL A 353 29.49 -18.90 3.75
CA VAL A 353 28.91 -18.54 5.04
C VAL A 353 27.66 -17.75 4.67
N GLY A 354 26.71 -17.70 5.58
CA GLY A 354 25.50 -16.96 5.31
C GLY A 354 25.77 -15.46 5.26
N ILE A 355 25.03 -14.78 4.39
CA ILE A 355 25.15 -13.33 4.25
C ILE A 355 23.74 -12.79 4.08
N GLY A 356 23.54 -11.53 4.41
CA GLY A 356 22.21 -10.97 4.27
C GLY A 356 22.13 -9.49 4.48
N ILE A 357 20.90 -9.00 4.48
CA ILE A 357 20.60 -7.59 4.70
C ILE A 357 19.51 -7.57 5.75
N ALA A 358 19.56 -6.58 6.63
CA ALA A 358 18.56 -6.43 7.69
C ALA A 358 18.12 -4.98 7.78
N PHE A 359 16.92 -4.77 8.28
CA PHE A 359 16.34 -3.44 8.46
C PHE A 359 16.38 -3.25 9.97
N VAL A 360 17.27 -2.37 10.43
CA VAL A 360 17.45 -2.16 11.86
C VAL A 360 17.41 -0.71 12.32
N LYS A 361 17.38 -0.53 13.63
CA LYS A 361 17.38 0.80 14.24
C LYS A 361 18.57 1.45 13.58
N GLU A 362 18.37 2.66 13.11
CA GLU A 362 19.44 3.29 12.37
C GLU A 362 20.81 3.42 13.03
N GLU A 363 20.88 3.49 14.35
CA GLU A 363 22.19 3.61 15.00
C GLU A 363 23.07 2.37 14.77
N TYR A 364 22.45 1.28 14.33
CA TYR A 364 23.18 0.03 14.10
C TYR A 364 23.53 -0.21 12.64
N ALA A 365 23.12 0.70 11.76
CA ALA A 365 23.41 0.55 10.34
C ALA A 365 24.81 1.05 10.03
N LYS A 366 25.80 0.38 10.61
CA LYS A 366 27.20 0.72 10.44
C LYS A 366 27.97 -0.60 10.42
N PRO A 367 29.14 -0.63 9.77
CA PRO A 367 29.94 -1.86 9.69
C PRO A 367 30.73 -2.13 10.97
N GLY A 368 31.10 -3.40 11.16
CA GLY A 368 31.89 -3.78 12.32
C GLY A 368 31.15 -4.04 13.62
N ILE A 369 29.83 -4.12 13.57
CA ILE A 369 29.04 -4.35 14.77
C ILE A 369 28.70 -5.83 14.93
N GLU A 370 28.98 -6.37 16.12
CA GLU A 370 28.68 -7.76 16.41
C GLU A 370 27.19 -7.90 16.70
N ILE A 371 26.53 -8.78 15.96
CA ILE A 371 25.10 -9.00 16.13
C ILE A 371 24.79 -10.49 16.18
N GLU A 372 23.52 -10.80 16.42
CA GLU A 372 23.06 -12.19 16.47
C GLU A 372 21.77 -12.29 15.68
N VAL A 373 21.63 -13.39 14.95
CA VAL A 373 20.44 -13.64 14.15
C VAL A 373 19.82 -14.91 14.66
N GLU A 374 18.54 -14.86 14.94
CA GLU A 374 17.85 -16.01 15.46
C GLU A 374 17.39 -16.92 14.34
N ILE A 375 17.98 -18.09 14.28
CA ILE A 375 17.63 -19.05 13.25
C ILE A 375 17.04 -20.29 13.90
N ARG A 376 15.76 -20.51 13.64
CA ARG A 376 15.04 -21.65 14.20
C ARG A 376 15.28 -21.84 15.69
N GLY A 377 15.07 -20.78 16.46
CA GLY A 377 15.24 -20.80 17.91
C GLY A 377 16.63 -20.71 18.49
N GLN A 378 17.63 -20.57 17.62
CA GLN A 378 19.04 -20.48 18.01
C GLN A 378 19.68 -19.13 17.65
N ARG A 379 20.37 -18.48 18.61
CA ARG A 379 21.03 -17.19 18.32
C ARG A 379 22.38 -17.48 17.65
N LYS A 380 22.55 -17.08 16.39
CA LYS A 380 23.80 -17.31 15.66
C LYS A 380 24.53 -15.98 15.45
N LYS A 381 25.82 -15.97 15.77
CA LYS A 381 26.63 -14.76 15.65
C LYS A 381 26.91 -14.30 14.22
N ALA A 382 26.97 -12.99 14.04
CA ALA A 382 27.24 -12.37 12.75
C ALA A 382 27.87 -11.00 12.97
N VAL A 383 28.33 -10.37 11.90
CA VAL A 383 28.93 -9.05 12.01
C VAL A 383 28.50 -8.20 10.82
N THR A 384 28.23 -6.92 11.05
CA THR A 384 27.82 -6.04 9.97
C THR A 384 29.03 -5.71 9.12
N VAL A 385 28.81 -5.54 7.82
CA VAL A 385 29.88 -5.25 6.89
C VAL A 385 29.47 -4.22 5.83
N THR A 386 30.46 -3.77 5.08
CA THR A 386 30.23 -2.82 4.01
C THR A 386 30.30 -3.65 2.72
N PRO A 387 29.25 -3.60 1.88
CA PRO A 387 29.27 -4.37 0.64
C PRO A 387 30.24 -3.77 -0.38
N PRO A 388 30.65 -4.55 -1.39
CA PRO A 388 30.28 -5.95 -1.64
C PRO A 388 30.91 -6.90 -0.63
N PHE A 389 30.42 -8.13 -0.60
CA PHE A 389 30.94 -9.14 0.32
C PHE A 389 32.23 -9.75 -0.19
N TYR A 390 32.53 -9.55 -1.47
CA TYR A 390 33.75 -10.09 -2.08
C TYR A 390 34.81 -9.00 -2.21
N ASP A 391 36.04 -9.41 -2.47
CA ASP A 391 37.15 -8.46 -2.64
C ASP A 391 37.00 -7.85 -4.03
N PRO A 392 36.75 -6.54 -4.10
CA PRO A 392 36.60 -5.88 -5.41
C PRO A 392 37.84 -5.90 -6.30
N LYS A 393 38.97 -6.34 -5.75
CA LYS A 393 40.19 -6.43 -6.53
C LYS A 393 40.27 -7.81 -7.20
N LYS A 394 39.47 -8.74 -6.69
CA LYS A 394 39.46 -10.10 -7.22
C LYS A 394 38.20 -10.46 -7.99
N TYR A 395 37.06 -9.92 -7.57
CA TYR A 395 35.80 -10.20 -8.24
C TYR A 395 35.09 -8.90 -8.56
N GLY A 396 34.03 -8.98 -9.35
CA GLY A 396 33.32 -7.76 -9.71
C GLY A 396 33.90 -7.12 -10.97
N LEU A 397 33.20 -6.16 -11.53
CA LEU A 397 33.65 -5.50 -12.75
C LEU A 397 34.95 -4.72 -12.64
N PHE A 398 35.32 -4.32 -11.42
CA PHE A 398 36.54 -3.54 -11.25
C PHE A 398 37.73 -4.33 -10.71
N ARG A 399 37.70 -5.64 -10.87
CA ARG A 399 38.79 -6.48 -10.41
C ARG A 399 40.05 -6.04 -11.14
N GLU A 400 41.21 -6.21 -10.49
CA GLU A 400 42.48 -5.83 -11.11
C GLU A 400 42.82 -6.80 -12.24
N THR A 401 43.51 -6.28 -13.25
CA THR A 401 43.90 -7.09 -14.41
C THR A 401 45.42 -7.20 -14.55
N GLN B 3 7.65 13.05 18.50
CA GLN B 3 6.57 13.83 17.83
C GLN B 3 5.45 14.18 18.82
N MET B 4 4.66 15.19 18.47
CA MET B 4 3.56 15.64 19.32
C MET B 4 2.42 14.63 19.37
N VAL B 5 1.90 14.39 20.57
CA VAL B 5 0.78 13.48 20.74
C VAL B 5 -0.43 14.32 20.34
N LYS B 6 -1.30 13.75 19.52
CA LYS B 6 -2.47 14.49 19.06
C LYS B 6 -3.61 14.44 20.08
N ARG B 7 -4.28 15.58 20.25
CA ARG B 7 -5.39 15.71 21.19
C ARG B 7 -6.52 16.53 20.59
N VAL B 8 -7.76 16.13 20.83
CA VAL B 8 -8.90 16.87 20.31
C VAL B 8 -9.07 18.22 20.98
N HIS B 9 -9.85 19.09 20.34
CA HIS B 9 -10.12 20.45 20.84
C HIS B 9 -10.40 20.51 22.33
N ILE B 10 -11.40 19.75 22.78
CA ILE B 10 -11.77 19.79 24.19
C ILE B 10 -11.19 18.65 25.03
N PHE B 11 -9.95 18.29 24.72
CA PHE B 11 -9.27 17.24 25.46
C PHE B 11 -9.30 17.45 26.98
N ASP B 12 -9.10 18.68 27.43
CA ASP B 12 -9.10 18.96 28.86
C ASP B 12 -10.38 18.51 29.53
N TRP B 13 -11.52 18.67 28.86
CA TRP B 13 -12.79 18.24 29.44
C TRP B 13 -12.75 16.73 29.61
N HIS B 14 -12.29 16.02 28.58
CA HIS B 14 -12.22 14.57 28.63
C HIS B 14 -11.29 14.09 29.73
N LYS B 15 -10.17 14.78 29.90
CA LYS B 15 -9.21 14.40 30.92
C LYS B 15 -9.84 14.46 32.31
N GLU B 16 -10.69 15.45 32.52
CA GLU B 16 -11.35 15.62 33.82
C GLU B 16 -12.56 14.73 34.05
N HIS B 17 -13.13 14.18 32.99
CA HIS B 17 -14.32 13.35 33.16
C HIS B 17 -14.23 11.89 32.79
N ALA B 18 -13.14 11.48 32.15
CA ALA B 18 -12.98 10.08 31.75
C ALA B 18 -12.25 9.25 32.79
N ARG B 19 -12.62 7.98 32.88
CA ARG B 19 -11.97 7.05 33.81
C ARG B 19 -10.77 6.41 33.15
N LYS B 20 -10.77 6.39 31.82
CA LYS B 20 -9.68 5.79 31.07
C LYS B 20 -9.32 6.62 29.84
N ILE B 21 -8.08 7.11 29.84
CA ILE B 21 -7.54 7.90 28.74
C ILE B 21 -6.31 7.11 28.30
N GLU B 22 -6.22 6.82 27.01
CA GLU B 22 -5.08 6.06 26.51
C GLU B 22 -4.60 6.60 25.18
N GLU B 23 -3.29 6.54 24.95
CA GLU B 23 -2.72 6.98 23.69
C GLU B 23 -2.98 5.85 22.70
N PHE B 24 -3.83 6.15 21.74
CA PHE B 24 -4.21 5.18 20.73
C PHE B 24 -3.93 5.73 19.33
N ALA B 25 -2.94 5.17 18.64
CA ALA B 25 -2.67 5.56 17.27
C ALA B 25 -2.27 7.02 17.11
N GLY B 26 -1.44 7.46 18.04
CA GLY B 26 -0.98 8.83 17.96
C GLY B 26 -1.89 9.84 18.63
N TRP B 27 -3.07 9.43 19.09
CA TRP B 27 -3.98 10.36 19.78
C TRP B 27 -4.22 9.91 21.20
N GLU B 28 -4.30 10.86 22.13
CA GLU B 28 -4.58 10.54 23.53
C GLU B 28 -6.08 10.76 23.63
N MET B 29 -6.83 9.66 23.65
CA MET B 29 -8.30 9.71 23.66
C MET B 29 -9.00 9.07 24.85
N PRO B 30 -10.26 9.48 25.09
CA PRO B 30 -11.02 8.91 26.20
C PRO B 30 -11.56 7.55 25.71
N ILE B 31 -11.26 6.49 26.43
CA ILE B 31 -11.72 5.16 26.05
C ILE B 31 -13.09 4.88 26.67
N TRP B 32 -13.30 5.39 27.89
CA TRP B 32 -14.58 5.29 28.56
C TRP B 32 -14.64 6.27 29.72
N TYR B 33 -15.85 6.70 30.05
CA TYR B 33 -16.09 7.64 31.13
C TYR B 33 -16.68 6.90 32.34
N SER B 34 -17.69 6.07 32.10
CA SER B 34 -18.30 5.29 33.16
C SER B 34 -17.78 3.86 32.93
N SER B 35 -18.26 3.23 31.86
CA SER B 35 -17.81 1.89 31.48
C SER B 35 -18.24 1.66 30.04
N ILE B 36 -17.55 0.79 29.34
CA ILE B 36 -17.89 0.52 27.95
C ILE B 36 -19.33 0.00 27.88
N LYS B 37 -19.66 -0.93 28.77
CA LYS B 37 -21.01 -1.49 28.80
C LYS B 37 -22.10 -0.44 29.03
N GLU B 38 -21.92 0.41 30.04
CA GLU B 38 -22.92 1.43 30.32
C GLU B 38 -23.10 2.40 29.15
N GLU B 39 -21.99 2.77 28.52
CA GLU B 39 -22.06 3.70 27.39
C GLU B 39 -22.71 3.05 26.19
N HIS B 40 -22.37 1.80 25.94
CA HIS B 40 -22.94 1.03 24.84
C HIS B 40 -24.45 0.98 25.02
N LEU B 41 -24.89 0.62 26.23
CA LEU B 41 -26.33 0.52 26.50
C LEU B 41 -27.04 1.88 26.49
N ALA B 42 -26.33 2.95 26.83
CA ALA B 42 -26.94 4.27 26.82
C ALA B 42 -27.32 4.62 25.38
N VAL B 43 -26.48 4.23 24.43
CA VAL B 43 -26.77 4.50 23.03
C VAL B 43 -27.91 3.62 22.52
N ARG B 44 -27.95 2.37 22.98
CA ARG B 44 -29.01 1.46 22.57
C ARG B 44 -30.36 1.78 23.19
N ASN B 45 -30.37 2.34 24.40
CA ASN B 45 -31.61 2.64 25.10
C ASN B 45 -32.02 4.10 25.26
N ALA B 46 -31.05 5.02 25.20
CA ALA B 46 -31.35 6.43 25.38
C ALA B 46 -30.60 7.26 24.36
N VAL B 47 -29.51 7.88 24.78
CA VAL B 47 -28.71 8.69 23.88
C VAL B 47 -27.31 8.84 24.45
N GLY B 48 -26.34 8.94 23.56
CA GLY B 48 -24.96 9.10 23.98
C GLY B 48 -24.26 10.09 23.08
N ILE B 49 -23.23 10.75 23.59
CA ILE B 49 -22.47 11.69 22.77
C ILE B 49 -21.00 11.29 22.73
N PHE B 50 -20.45 11.27 21.53
CA PHE B 50 -19.05 10.91 21.31
C PHE B 50 -18.28 12.08 20.74
N ASP B 51 -17.03 12.26 21.16
CA ASP B 51 -16.23 13.31 20.57
C ASP B 51 -15.41 12.62 19.50
N VAL B 52 -15.71 12.92 18.24
CA VAL B 52 -14.99 12.32 17.12
C VAL B 52 -14.25 13.39 16.34
N SER B 53 -13.70 14.35 17.07
CA SER B 53 -12.95 15.46 16.49
C SER B 53 -11.62 15.01 15.90
N HIS B 54 -11.27 13.74 16.10
CA HIS B 54 -10.03 13.16 15.58
C HIS B 54 -10.23 12.60 14.17
N MET B 55 -11.48 12.50 13.74
CA MET B 55 -11.75 12.00 12.40
C MET B 55 -11.24 13.06 11.43
N GLY B 56 -10.85 12.63 10.24
CA GLY B 56 -10.34 13.58 9.28
C GLY B 56 -11.39 14.41 8.56
N GLU B 57 -10.97 15.61 8.17
CA GLU B 57 -11.80 16.54 7.40
C GLU B 57 -10.89 17.10 6.33
N ILE B 58 -11.30 16.93 5.07
CA ILE B 58 -10.55 17.47 3.95
C ILE B 58 -11.57 18.24 3.12
N VAL B 59 -11.26 19.49 2.80
CA VAL B 59 -12.17 20.33 2.05
C VAL B 59 -11.66 20.59 0.64
N PHE B 60 -12.55 20.39 -0.34
CA PHE B 60 -12.23 20.59 -1.75
C PHE B 60 -13.05 21.76 -2.28
N ARG B 61 -12.37 22.77 -2.85
CA ARG B 61 -13.08 23.93 -3.38
C ARG B 61 -12.61 24.30 -4.78
N GLY B 62 -13.55 24.75 -5.60
CA GLY B 62 -13.22 25.14 -6.96
C GLY B 62 -14.13 24.49 -7.97
N LYS B 63 -14.21 25.08 -9.16
CA LYS B 63 -15.07 24.53 -10.21
C LYS B 63 -14.64 23.15 -10.67
N ASP B 64 -13.38 22.78 -10.40
CA ASP B 64 -12.88 21.49 -10.80
C ASP B 64 -12.96 20.44 -9.70
N ALA B 65 -13.47 20.83 -8.54
CA ALA B 65 -13.58 19.91 -7.41
C ALA B 65 -14.50 18.71 -7.68
N LEU B 66 -15.67 18.95 -8.27
CA LEU B 66 -16.59 17.85 -8.55
C LEU B 66 -15.99 16.79 -9.47
N LYS B 67 -15.45 17.21 -10.62
CA LYS B 67 -14.88 16.25 -11.55
C LYS B 67 -13.71 15.51 -10.92
N PHE B 68 -12.93 16.20 -10.09
CA PHE B 68 -11.80 15.58 -9.42
C PHE B 68 -12.33 14.50 -8.47
N LEU B 69 -13.29 14.85 -7.64
CA LEU B 69 -13.85 13.88 -6.69
C LEU B 69 -14.55 12.73 -7.41
N GLN B 70 -15.12 13.01 -8.58
CA GLN B 70 -15.78 11.95 -9.34
C GLN B 70 -14.77 10.91 -9.84
N TYR B 71 -13.56 11.36 -10.17
CA TYR B 71 -12.60 10.40 -10.66
C TYR B 71 -11.81 9.69 -9.58
N VAL B 72 -11.65 10.32 -8.41
CA VAL B 72 -10.88 9.67 -7.36
C VAL B 72 -11.69 8.89 -6.32
N THR B 73 -13.01 8.98 -6.38
CA THR B 73 -13.84 8.21 -5.45
C THR B 73 -14.84 7.37 -6.25
N THR B 74 -15.44 6.38 -5.60
CA THR B 74 -16.36 5.45 -6.26
C THR B 74 -17.82 5.82 -6.48
N ASN B 75 -18.44 6.54 -5.55
CA ASN B 75 -19.86 6.87 -5.73
C ASN B 75 -20.11 8.10 -6.61
N ASP B 76 -21.38 8.34 -6.93
CA ASP B 76 -21.74 9.48 -7.77
C ASP B 76 -21.79 10.75 -6.93
N ILE B 77 -20.70 11.51 -6.95
CA ILE B 77 -20.60 12.72 -6.16
C ILE B 77 -21.51 13.85 -6.64
N SER B 78 -22.04 13.74 -7.84
CA SER B 78 -22.91 14.77 -8.39
C SER B 78 -24.36 14.70 -7.90
N LYS B 79 -24.73 13.58 -7.29
CA LYS B 79 -26.10 13.41 -6.82
C LYS B 79 -26.54 14.12 -5.55
N PRO B 80 -25.72 14.10 -4.47
CA PRO B 80 -26.19 14.82 -3.27
C PRO B 80 -26.46 16.32 -3.50
N PRO B 81 -27.67 16.82 -3.21
CA PRO B 81 -27.92 18.25 -3.38
C PRO B 81 -27.37 18.99 -2.16
N ALA B 82 -27.16 20.29 -2.29
CA ALA B 82 -26.66 21.08 -1.18
C ALA B 82 -27.81 21.27 -0.19
N ILE B 83 -27.60 20.93 1.09
CA ILE B 83 -26.36 20.37 1.62
C ILE B 83 -26.67 18.95 2.08
N SER B 84 -25.94 17.98 1.54
CA SER B 84 -26.16 16.58 1.91
C SER B 84 -24.95 15.80 1.43
N GLY B 85 -24.81 14.57 1.90
CA GLY B 85 -23.65 13.80 1.51
C GLY B 85 -23.90 12.43 0.96
N THR B 86 -22.81 11.78 0.57
CA THR B 86 -22.86 10.44 0.04
C THR B 86 -21.65 9.66 0.52
N TYR B 87 -21.87 8.41 0.84
CA TYR B 87 -20.81 7.51 1.29
C TYR B 87 -20.06 7.11 0.02
N THR B 88 -18.75 7.33 0.01
CA THR B 88 -17.96 7.02 -1.16
C THR B 88 -16.58 6.48 -0.77
N LEU B 89 -16.05 5.56 -1.57
CA LEU B 89 -14.76 4.95 -1.30
C LEU B 89 -13.66 5.56 -2.14
N VAL B 90 -12.45 5.61 -1.57
CA VAL B 90 -11.28 6.11 -2.28
C VAL B 90 -10.45 4.86 -2.51
N LEU B 91 -10.26 4.49 -3.78
CA LEU B 91 -9.50 3.28 -4.09
C LEU B 91 -8.10 3.58 -4.63
N ASN B 92 -7.20 2.60 -4.51
CA ASN B 92 -5.88 2.80 -5.09
C ASN B 92 -5.92 2.32 -6.55
N GLU B 93 -4.78 2.42 -7.22
CA GLU B 93 -4.66 2.05 -8.63
C GLU B 93 -5.08 0.62 -8.99
N ARG B 94 -5.07 -0.28 -8.01
CA ARG B 94 -5.46 -1.66 -8.25
C ARG B 94 -6.74 -2.07 -7.50
N GLY B 95 -7.59 -1.09 -7.21
CA GLY B 95 -8.86 -1.38 -6.58
C GLY B 95 -9.00 -1.57 -5.09
N ALA B 96 -7.90 -1.57 -4.34
CA ALA B 96 -8.02 -1.73 -2.89
C ALA B 96 -8.48 -0.42 -2.26
N ILE B 97 -9.09 -0.51 -1.09
CA ILE B 97 -9.62 0.66 -0.42
C ILE B 97 -8.57 1.47 0.35
N LYS B 98 -8.42 2.74 -0.03
CA LYS B 98 -7.49 3.64 0.65
C LYS B 98 -8.20 4.21 1.88
N ASP B 99 -9.52 4.29 1.79
CA ASP B 99 -10.37 4.73 2.91
C ASP B 99 -11.84 4.78 2.53
N GLU B 100 -12.68 4.66 3.55
CA GLU B 100 -14.13 4.76 3.41
C GLU B 100 -14.39 6.20 3.84
N THR B 101 -15.21 6.94 3.09
CA THR B 101 -15.44 8.34 3.44
C THR B 101 -16.87 8.79 3.22
N LEU B 102 -17.18 9.99 3.69
CA LEU B 102 -18.50 10.59 3.53
C LEU B 102 -18.21 11.97 2.95
N VAL B 103 -18.75 12.25 1.76
CA VAL B 103 -18.53 13.54 1.11
C VAL B 103 -19.81 14.36 1.05
N PHE B 104 -19.75 15.56 1.60
CA PHE B 104 -20.90 16.47 1.60
C PHE B 104 -20.77 17.56 0.54
N ASN B 105 -21.87 17.79 -0.18
CA ASN B 105 -21.90 18.86 -1.17
C ASN B 105 -22.33 20.08 -0.35
N MET B 106 -21.41 21.01 -0.12
CA MET B 106 -21.70 22.20 0.66
C MET B 106 -22.33 23.31 -0.18
N GLY B 107 -22.33 23.11 -1.50
CA GLY B 107 -22.88 24.10 -2.40
C GLY B 107 -21.79 25.07 -2.82
N ASN B 108 -22.02 25.76 -3.94
CA ASN B 108 -21.08 26.74 -4.47
C ASN B 108 -19.65 26.23 -4.59
N ASN B 109 -19.49 25.14 -5.33
CA ASN B 109 -18.19 24.54 -5.59
C ASN B 109 -17.39 24.16 -4.35
N GLU B 110 -18.05 23.61 -3.35
CA GLU B 110 -17.36 23.21 -2.12
C GLU B 110 -17.82 21.85 -1.63
N TYR B 111 -16.87 20.99 -1.29
CA TYR B 111 -17.17 19.66 -0.78
C TYR B 111 -16.37 19.38 0.47
N LEU B 112 -17.04 18.81 1.47
CA LEU B 112 -16.42 18.47 2.74
C LEU B 112 -16.35 16.95 2.86
N MET B 113 -15.14 16.42 3.01
CA MET B 113 -14.96 14.98 3.13
C MET B 113 -14.62 14.60 4.57
N ILE B 114 -15.41 13.70 5.13
CA ILE B 114 -15.17 13.18 6.48
C ILE B 114 -14.52 11.82 6.23
N CYS B 115 -13.34 11.62 6.80
CA CYS B 115 -12.63 10.37 6.60
C CYS B 115 -12.05 9.85 7.91
N ASP B 116 -11.44 8.67 7.85
CA ASP B 116 -10.90 8.05 9.06
C ASP B 116 -9.69 8.73 9.66
N SER B 117 -9.66 8.72 10.99
CA SER B 117 -8.55 9.32 11.71
C SER B 117 -7.26 8.64 11.30
N ASP B 118 -7.30 7.34 11.08
CA ASP B 118 -6.09 6.61 10.71
C ASP B 118 -5.72 6.68 9.23
N ALA B 119 -6.46 7.48 8.46
CA ALA B 119 -6.17 7.57 7.03
C ALA B 119 -6.14 8.97 6.43
N PHE B 120 -6.53 10.00 7.19
CA PHE B 120 -6.57 11.33 6.59
C PHE B 120 -5.24 11.92 6.11
N GLU B 121 -4.13 11.55 6.75
CA GLU B 121 -2.85 12.09 6.29
C GLU B 121 -2.50 11.46 4.96
N LYS B 122 -2.75 10.16 4.82
CA LYS B 122 -2.50 9.47 3.57
C LYS B 122 -3.39 10.07 2.47
N LEU B 123 -4.68 10.22 2.78
CA LEU B 123 -5.60 10.78 1.80
C LEU B 123 -5.21 12.17 1.36
N TYR B 124 -4.84 13.02 2.31
CA TYR B 124 -4.46 14.39 1.96
C TYR B 124 -3.26 14.38 1.01
N ALA B 125 -2.28 13.53 1.29
CA ALA B 125 -1.10 13.44 0.44
C ALA B 125 -1.50 12.90 -0.95
N TRP B 126 -2.37 11.91 -0.96
CA TRP B 126 -2.86 11.29 -2.18
C TRP B 126 -3.55 12.33 -3.06
N PHE B 127 -4.54 13.01 -2.50
CA PHE B 127 -5.27 14.01 -3.27
C PHE B 127 -4.38 15.17 -3.69
N THR B 128 -3.51 15.61 -2.79
CA THR B 128 -2.62 16.73 -3.11
C THR B 128 -1.66 16.38 -4.24
N TYR B 129 -1.08 15.18 -4.22
CA TYR B 129 -0.18 14.83 -5.31
C TYR B 129 -0.89 14.54 -6.62
N LEU B 130 -2.14 14.07 -6.56
CA LEU B 130 -2.89 13.83 -7.79
C LEU B 130 -3.15 15.21 -8.40
N LYS B 131 -3.54 16.16 -7.56
CA LYS B 131 -3.79 17.52 -7.98
C LYS B 131 -2.53 18.12 -8.61
N ARG B 132 -1.40 18.01 -7.92
CA ARG B 132 -0.15 18.56 -8.44
C ARG B 132 0.29 17.89 -9.74
N THR B 133 -0.04 16.62 -9.92
CA THR B 133 0.33 15.93 -11.15
C THR B 133 -0.46 16.54 -12.29
N ILE B 134 -1.74 16.81 -12.07
CA ILE B 134 -2.58 17.42 -13.09
C ILE B 134 -2.04 18.81 -13.42
N GLU B 135 -1.66 19.55 -12.39
CA GLU B 135 -1.16 20.91 -12.55
C GLU B 135 0.15 21.04 -13.30
N GLN B 136 0.81 19.92 -13.55
CA GLN B 136 2.05 19.95 -14.31
C GLN B 136 1.69 20.16 -15.77
N PHE B 137 0.44 19.87 -16.12
CA PHE B 137 -0.04 19.98 -17.49
C PHE B 137 -1.13 20.98 -17.80
N THR B 138 -1.86 21.42 -16.77
CA THR B 138 -2.92 22.40 -16.99
C THR B 138 -3.29 23.10 -15.68
N LYS B 139 -3.83 24.30 -15.80
CA LYS B 139 -4.25 25.04 -14.62
C LYS B 139 -5.57 24.46 -14.13
N LEU B 140 -5.80 24.55 -12.83
CA LEU B 140 -7.03 24.04 -12.25
C LEU B 140 -7.63 25.05 -11.28
N ASP B 141 -8.93 24.93 -11.06
CA ASP B 141 -9.59 25.75 -10.07
C ASP B 141 -9.94 24.72 -9.03
N LEU B 142 -8.94 24.40 -8.21
CA LEU B 142 -9.09 23.40 -7.18
C LEU B 142 -8.14 23.65 -6.03
N GLU B 143 -8.70 23.72 -4.83
CA GLU B 143 -7.91 23.91 -3.62
C GLU B 143 -8.35 22.82 -2.66
N ILE B 144 -7.38 22.15 -2.06
CA ILE B 144 -7.62 21.05 -1.14
C ILE B 144 -6.94 21.38 0.18
N GLU B 145 -7.72 21.46 1.26
CA GLU B 145 -7.17 21.79 2.57
C GLU B 145 -7.46 20.76 3.63
N LEU B 146 -6.49 20.50 4.49
CA LEU B 146 -6.66 19.56 5.59
C LEU B 146 -7.23 20.37 6.75
N LYS B 147 -8.44 20.02 7.19
CA LYS B 147 -9.11 20.75 8.26
C LYS B 147 -9.36 19.97 9.54
N THR B 148 -8.80 18.77 9.61
CA THR B 148 -8.96 17.90 10.76
C THR B 148 -8.78 18.57 12.12
N TYR B 149 -7.74 19.37 12.24
CA TYR B 149 -7.41 20.03 13.49
C TYR B 149 -8.19 21.32 13.75
N ASP B 150 -8.92 21.79 12.74
CA ASP B 150 -9.69 23.02 12.84
C ASP B 150 -11.15 22.75 13.17
N ILE B 151 -11.62 21.55 12.82
CA ILE B 151 -13.02 21.19 13.01
C ILE B 151 -13.28 20.19 14.14
N ALA B 152 -14.06 20.62 15.12
CA ALA B 152 -14.45 19.74 16.21
C ALA B 152 -15.69 19.02 15.69
N MET B 153 -15.86 17.76 16.05
CA MET B 153 -17.00 16.98 15.57
C MET B 153 -17.54 16.08 16.67
N PHE B 154 -18.85 16.15 16.90
CA PHE B 154 -19.48 15.32 17.93
C PHE B 154 -20.61 14.50 17.33
N ALA B 155 -20.75 13.27 17.79
CA ALA B 155 -21.81 12.38 17.31
C ALA B 155 -22.79 12.12 18.46
N VAL B 156 -24.07 12.35 18.21
CA VAL B 156 -25.12 12.14 19.22
C VAL B 156 -25.97 11.01 18.67
N GLN B 157 -25.95 9.88 19.38
CA GLN B 157 -26.61 8.68 18.90
C GLN B 157 -27.55 7.99 19.88
N GLY B 158 -28.62 7.41 19.35
CA GLY B 158 -29.57 6.70 20.18
C GLY B 158 -31.02 7.03 19.86
N PRO B 159 -31.97 6.26 20.40
CA PRO B 159 -33.39 6.48 20.16
C PRO B 159 -33.94 7.83 20.66
N LYS B 160 -33.18 8.49 21.52
CA LYS B 160 -33.61 9.79 22.04
C LYS B 160 -32.85 10.95 21.40
N ALA B 161 -31.98 10.62 20.44
CA ALA B 161 -31.20 11.64 19.76
C ALA B 161 -32.11 12.61 19.03
N ARG B 162 -33.21 12.10 18.50
CA ARG B 162 -34.14 12.93 17.77
C ARG B 162 -34.81 13.94 18.72
N ASP B 163 -35.27 13.48 19.86
CA ASP B 163 -35.89 14.42 20.76
C ASP B 163 -34.89 15.47 21.21
N LEU B 164 -33.65 15.05 21.44
CA LEU B 164 -32.59 15.95 21.88
C LEU B 164 -32.29 17.02 20.83
N ALA B 165 -32.24 16.63 19.56
CA ALA B 165 -31.97 17.57 18.48
C ALA B 165 -33.11 18.59 18.38
N LYS B 166 -34.33 18.14 18.67
CA LYS B 166 -35.50 19.01 18.62
C LYS B 166 -35.34 20.08 19.70
N ASP B 167 -34.98 19.65 20.91
CA ASP B 167 -34.79 20.58 22.02
C ASP B 167 -33.69 21.61 21.77
N LEU B 168 -32.58 21.12 21.21
CA LEU B 168 -31.43 21.96 20.93
C LEU B 168 -31.54 22.91 19.75
N PHE B 169 -31.96 22.40 18.61
CA PHE B 169 -32.01 23.19 17.39
C PHE B 169 -33.39 23.50 16.82
N GLY B 170 -34.43 22.85 17.32
CA GLY B 170 -35.77 23.10 16.81
C GLY B 170 -36.06 22.39 15.51
N ILE B 171 -35.24 21.39 15.19
CA ILE B 171 -35.42 20.62 13.95
C ILE B 171 -35.80 19.18 14.27
N ASP B 172 -36.34 18.48 13.27
CA ASP B 172 -36.73 17.09 13.42
C ASP B 172 -35.88 16.28 12.44
N ILE B 173 -34.86 15.59 12.95
CA ILE B 173 -34.00 14.81 12.07
C ILE B 173 -34.74 13.70 11.33
N ASN B 174 -35.91 13.32 11.82
CA ASN B 174 -36.68 12.27 11.15
C ASN B 174 -37.24 12.77 9.82
N GLU B 175 -37.19 14.08 9.61
CA GLU B 175 -37.66 14.67 8.36
C GLU B 175 -36.50 14.81 7.36
N MET B 176 -35.31 14.45 7.82
CA MET B 176 -34.11 14.51 6.97
C MET B 176 -33.76 13.12 6.47
N TRP B 177 -33.25 13.01 5.26
CA TRP B 177 -32.86 11.70 4.76
C TRP B 177 -31.46 11.42 5.30
N TRP B 178 -31.05 10.16 5.28
CA TRP B 178 -29.74 9.82 5.82
C TRP B 178 -28.63 10.49 5.02
N PHE B 179 -27.75 11.17 5.74
CA PHE B 179 -26.62 11.92 5.18
C PHE B 179 -27.02 13.34 4.76
N GLN B 180 -28.28 13.70 4.94
CA GLN B 180 -28.68 15.05 4.60
C GLN B 180 -28.14 15.91 5.75
N ALA B 181 -27.87 17.18 5.47
CA ALA B 181 -27.33 18.06 6.49
C ALA B 181 -27.93 19.45 6.37
N ARG B 182 -27.60 20.30 7.32
CA ARG B 182 -28.08 21.66 7.28
C ARG B 182 -27.39 22.48 8.35
N TRP B 183 -27.41 23.79 8.19
CA TRP B 183 -26.78 24.68 9.15
C TRP B 183 -27.74 24.93 10.29
N VAL B 184 -27.25 24.77 11.51
CA VAL B 184 -28.06 25.02 12.69
C VAL B 184 -27.28 26.00 13.55
N GLU B 185 -27.92 26.53 14.58
CA GLU B 185 -27.26 27.48 15.44
C GLU B 185 -27.65 27.17 16.88
N LEU B 186 -26.72 27.33 17.82
CA LEU B 186 -26.99 27.09 19.23
C LEU B 186 -26.32 28.18 20.05
N ASP B 187 -27.12 29.00 20.73
CA ASP B 187 -26.60 30.10 21.52
C ASP B 187 -25.62 30.96 20.73
N GLY B 188 -25.99 31.28 19.49
CA GLY B 188 -25.16 32.11 18.65
C GLY B 188 -24.01 31.41 17.93
N ILE B 189 -23.86 30.11 18.17
CA ILE B 189 -22.79 29.35 17.53
C ILE B 189 -23.35 28.59 16.33
N LYS B 190 -22.82 28.89 15.15
CA LYS B 190 -23.27 28.24 13.93
C LYS B 190 -22.45 26.98 13.69
N MET B 191 -23.12 25.92 13.23
CA MET B 191 -22.44 24.65 12.98
C MET B 191 -23.24 23.83 11.98
N LEU B 192 -22.57 22.88 11.34
CA LEU B 192 -23.23 22.00 10.39
C LEU B 192 -23.74 20.80 11.17
N LEU B 193 -24.90 20.28 10.77
CA LEU B 193 -25.48 19.11 11.42
C LEU B 193 -25.92 18.14 10.34
N SER B 194 -25.52 16.88 10.49
CA SER B 194 -25.90 15.86 9.52
C SER B 194 -26.62 14.72 10.23
N ARG B 195 -27.54 14.08 9.51
CA ARG B 195 -28.22 12.93 10.07
C ARG B 195 -27.30 11.80 9.64
N SER B 196 -26.56 11.26 10.59
CA SER B 196 -25.59 10.22 10.32
C SER B 196 -25.17 9.55 11.63
N GLY B 197 -24.35 8.51 11.52
CA GLY B 197 -23.90 7.81 12.71
C GLY B 197 -23.15 6.55 12.40
N TYR B 198 -22.48 6.03 13.42
CA TYR B 198 -21.65 4.84 13.36
C TYR B 198 -22.09 3.80 14.38
N THR B 199 -23.35 3.90 14.82
CA THR B 199 -23.85 3.02 15.85
C THR B 199 -24.97 2.06 15.47
N GLY B 200 -25.66 2.38 14.39
CA GLY B 200 -26.78 1.56 13.97
C GLY B 200 -28.07 2.22 14.40
N GLU B 201 -27.95 3.19 15.31
CA GLU B 201 -29.11 3.93 15.81
C GLU B 201 -29.34 5.21 15.01
N ASN B 202 -30.47 5.85 15.28
CA ASN B 202 -30.77 7.11 14.64
C ASN B 202 -29.82 8.08 15.33
N GLY B 203 -29.56 9.23 14.72
CA GLY B 203 -28.66 10.17 15.35
C GLY B 203 -28.21 11.27 14.43
N PHE B 204 -27.34 12.13 14.95
CA PHE B 204 -26.83 13.24 14.17
C PHE B 204 -25.41 13.52 14.59
N GLU B 205 -24.72 14.31 13.77
CA GLU B 205 -23.35 14.70 14.05
C GLU B 205 -23.23 16.18 13.75
N VAL B 206 -22.47 16.88 14.58
CA VAL B 206 -22.27 18.32 14.36
C VAL B 206 -20.79 18.59 14.11
N TYR B 207 -20.54 19.56 13.24
CA TYR B 207 -19.19 19.95 12.85
C TYR B 207 -19.02 21.42 13.19
N ILE B 208 -18.05 21.72 14.05
CA ILE B 208 -17.83 23.07 14.52
C ILE B 208 -16.41 23.57 14.28
N GLU B 209 -16.26 24.66 13.54
CA GLU B 209 -14.94 25.24 13.29
C GLU B 209 -14.62 26.07 14.54
N ASP B 210 -13.52 25.74 15.22
CA ASP B 210 -13.17 26.49 16.43
C ASP B 210 -11.69 26.36 16.75
N ALA B 211 -11.19 27.27 17.58
CA ALA B 211 -9.79 27.25 17.98
C ALA B 211 -9.49 25.96 18.72
N ASN B 212 -8.31 25.42 18.48
CA ASN B 212 -7.88 24.16 19.07
C ASN B 212 -6.62 24.41 19.91
N PRO B 213 -6.74 24.24 21.24
CA PRO B 213 -5.56 24.47 22.09
C PRO B 213 -4.43 23.47 21.88
N TYR B 214 -4.72 22.40 21.13
CA TYR B 214 -3.73 21.37 20.85
C TYR B 214 -3.44 21.25 19.35
N HIS B 215 -3.70 22.34 18.62
CA HIS B 215 -3.48 22.37 17.18
C HIS B 215 -1.99 22.13 16.90
N PRO B 216 -1.67 21.32 15.89
CA PRO B 216 -0.26 21.06 15.57
C PRO B 216 0.48 22.36 15.26
N ASP B 217 -0.24 23.33 14.73
CA ASP B 217 0.32 24.65 14.39
C ASP B 217 0.16 25.53 15.62
N GLU B 218 1.27 25.74 16.34
CA GLU B 218 1.26 26.54 17.55
C GLU B 218 0.61 27.91 17.37
N SER B 219 0.83 28.55 16.23
CA SER B 219 0.28 29.88 15.98
C SER B 219 -1.24 29.93 15.87
N LYS B 220 -1.87 28.78 15.67
CA LYS B 220 -3.32 28.72 15.53
C LYS B 220 -4.05 28.32 16.80
N ARG B 221 -3.30 27.98 17.84
CA ARG B 221 -3.89 27.56 19.11
C ARG B 221 -4.71 28.64 19.81
N GLY B 222 -5.78 28.20 20.45
CA GLY B 222 -6.65 29.10 21.19
C GLY B 222 -7.64 28.27 21.98
N GLU B 223 -8.39 28.90 22.87
CA GLU B 223 -9.37 28.22 23.69
C GLU B 223 -10.56 27.78 22.85
N PRO B 224 -10.99 26.52 23.04
CA PRO B 224 -12.12 25.93 22.31
C PRO B 224 -13.47 26.31 22.91
N GLU B 225 -13.69 27.61 23.07
CA GLU B 225 -14.92 28.13 23.67
C GLU B 225 -16.20 27.66 23.00
N LYS B 226 -16.24 27.70 21.68
CA LYS B 226 -17.44 27.29 20.95
C LYS B 226 -17.68 25.79 21.04
N ALA B 227 -16.64 25.01 20.80
CA ALA B 227 -16.76 23.55 20.85
C ALA B 227 -17.17 23.10 22.25
N LEU B 228 -16.54 23.66 23.27
CA LEU B 228 -16.86 23.27 24.64
C LEU B 228 -18.28 23.65 25.01
N HIS B 229 -18.71 24.84 24.60
CA HIS B 229 -20.06 25.29 24.91
C HIS B 229 -21.10 24.35 24.32
N VAL B 230 -20.92 23.97 23.06
CA VAL B 230 -21.86 23.07 22.41
C VAL B 230 -21.87 21.71 23.12
N TRP B 231 -20.69 21.19 23.42
CA TRP B 231 -20.58 19.91 24.10
C TRP B 231 -21.35 19.95 25.42
N GLU B 232 -21.07 20.97 26.23
CA GLU B 232 -21.74 21.09 27.52
C GLU B 232 -23.26 21.28 27.39
N ARG B 233 -23.70 22.04 26.40
CA ARG B 233 -25.13 22.26 26.20
C ARG B 233 -25.84 20.97 25.80
N ILE B 234 -25.19 20.14 24.98
CA ILE B 234 -25.81 18.88 24.58
C ILE B 234 -25.97 17.99 25.81
N LEU B 235 -24.97 17.95 26.67
CA LEU B 235 -25.06 17.13 27.88
C LEU B 235 -26.14 17.68 28.80
N GLU B 236 -26.26 19.00 28.84
CA GLU B 236 -27.28 19.65 29.68
C GLU B 236 -28.69 19.31 29.24
N GLU B 237 -28.96 19.50 27.95
CA GLU B 237 -30.29 19.21 27.42
C GLU B 237 -30.55 17.71 27.33
N GLY B 238 -29.47 16.93 27.27
CA GLY B 238 -29.62 15.49 27.18
C GLY B 238 -29.84 14.80 28.51
N LYS B 239 -29.62 15.52 29.61
CA LYS B 239 -29.80 14.94 30.93
C LYS B 239 -31.18 14.33 31.13
N LYS B 240 -32.21 15.01 30.65
CA LYS B 240 -33.58 14.52 30.79
C LYS B 240 -33.82 13.20 30.07
N TYR B 241 -32.93 12.89 29.12
CA TYR B 241 -33.04 11.66 28.34
C TYR B 241 -32.06 10.59 28.83
N GLY B 242 -31.27 10.94 29.84
CA GLY B 242 -30.31 10.00 30.39
C GLY B 242 -29.05 9.90 29.54
N ILE B 243 -28.67 11.01 28.91
CA ILE B 243 -27.49 11.02 28.05
C ILE B 243 -26.22 10.69 28.82
N LYS B 244 -25.29 10.06 28.13
CA LYS B 244 -24.00 9.70 28.73
C LYS B 244 -22.89 10.00 27.73
N PRO B 245 -21.74 10.50 28.23
CA PRO B 245 -20.65 10.77 27.29
C PRO B 245 -20.09 9.38 26.98
N CYS B 246 -19.76 9.13 25.72
CA CYS B 246 -19.27 7.83 25.30
C CYS B 246 -17.88 7.86 24.68
N GLY B 247 -17.02 6.95 25.12
CA GLY B 247 -15.66 6.89 24.62
C GLY B 247 -15.43 5.97 23.45
N LEU B 248 -14.17 5.81 23.06
CA LEU B 248 -13.82 4.96 21.92
C LEU B 248 -14.16 3.50 22.13
N GLY B 249 -14.18 3.06 23.38
CA GLY B 249 -14.50 1.67 23.66
C GLY B 249 -15.89 1.31 23.17
N ALA B 250 -16.88 2.10 23.56
CA ALA B 250 -18.26 1.88 23.14
C ALA B 250 -18.44 2.20 21.66
N ARG B 251 -17.64 3.12 21.14
CA ARG B 251 -17.75 3.44 19.72
C ARG B 251 -17.46 2.16 18.94
N ASP B 252 -16.49 1.38 19.39
CA ASP B 252 -16.15 0.15 18.70
C ASP B 252 -17.17 -0.97 18.92
N THR B 253 -17.64 -1.15 20.15
CA THR B 253 -18.61 -2.21 20.38
C THR B 253 -19.92 -1.93 19.65
N LEU B 254 -20.31 -0.67 19.58
CA LEU B 254 -21.55 -0.31 18.90
C LEU B 254 -21.45 -0.52 17.39
N ARG B 255 -20.34 -0.10 16.78
CA ARG B 255 -20.21 -0.27 15.34
C ARG B 255 -20.10 -1.74 14.95
N LEU B 256 -19.41 -2.52 15.77
CA LEU B 256 -19.25 -3.94 15.48
C LEU B 256 -20.58 -4.67 15.64
N GLU B 257 -21.35 -4.28 16.64
CA GLU B 257 -22.65 -4.90 16.88
C GLU B 257 -23.60 -4.57 15.73
N ALA B 258 -23.44 -3.39 15.14
CA ALA B 258 -24.26 -2.96 14.02
C ALA B 258 -23.77 -3.69 12.77
N GLY B 259 -22.50 -4.12 12.80
CA GLY B 259 -21.91 -4.84 11.68
C GLY B 259 -21.06 -4.03 10.74
N TYR B 260 -20.79 -2.76 11.09
CA TYR B 260 -19.99 -1.90 10.22
C TYR B 260 -18.51 -2.23 10.17
N THR B 261 -17.91 -1.97 9.02
CA THR B 261 -16.49 -2.19 8.83
C THR B 261 -15.73 -1.04 9.48
N LEU B 262 -14.47 -1.29 9.79
CA LEU B 262 -13.58 -0.30 10.37
C LEU B 262 -12.32 -0.31 9.53
N TYR B 263 -11.96 0.85 8.98
CA TYR B 263 -10.78 0.89 8.17
C TYR B 263 -9.55 0.63 9.02
N GLY B 264 -8.70 -0.25 8.53
CA GLY B 264 -7.51 -0.64 9.26
C GLY B 264 -7.72 -2.07 9.74
N ASN B 265 -8.99 -2.45 9.85
CA ASN B 265 -9.37 -3.78 10.30
C ASN B 265 -10.00 -4.59 9.19
N GLU B 266 -11.23 -4.25 8.79
CA GLU B 266 -11.90 -4.97 7.72
C GLU B 266 -11.43 -4.49 6.35
N THR B 267 -11.39 -3.17 6.17
CA THR B 267 -10.99 -2.57 4.91
C THR B 267 -9.58 -2.02 5.08
N LYS B 268 -8.80 -2.07 4.01
CA LYS B 268 -7.41 -1.64 4.04
C LYS B 268 -6.82 -1.85 2.65
N GLU B 269 -5.60 -1.36 2.43
CA GLU B 269 -4.92 -1.57 1.16
C GLU B 269 -3.57 -2.22 1.51
N LEU B 270 -3.38 -3.44 1.01
CA LEU B 270 -2.18 -4.21 1.28
C LEU B 270 -1.01 -4.00 0.33
N GLN B 271 -1.28 -3.40 -0.82
CA GLN B 271 -0.28 -3.17 -1.86
C GLN B 271 0.45 -4.49 -2.12
N LEU B 272 -0.36 -5.51 -2.39
CA LEU B 272 0.12 -6.86 -2.68
C LEU B 272 1.12 -6.86 -3.81
N LEU B 273 2.08 -7.76 -3.71
CA LEU B 273 3.08 -7.89 -4.75
C LEU B 273 2.57 -8.85 -5.81
N SER B 274 3.18 -8.76 -6.99
CA SER B 274 2.92 -9.65 -8.09
C SER B 274 1.48 -9.92 -8.54
N THR B 275 0.67 -8.88 -8.60
CA THR B 275 -0.71 -9.06 -9.06
C THR B 275 -1.26 -7.74 -9.58
N ASP B 276 -2.32 -7.82 -10.38
CA ASP B 276 -2.96 -6.62 -10.93
C ASP B 276 -4.19 -6.22 -10.12
N ILE B 277 -4.49 -6.97 -9.06
CA ILE B 277 -5.64 -6.67 -8.20
C ILE B 277 -5.17 -6.67 -6.75
N ASP B 278 -5.28 -5.53 -6.09
CA ASP B 278 -4.86 -5.42 -4.70
C ASP B 278 -6.06 -5.75 -3.80
N GLU B 279 -5.81 -5.91 -2.51
CA GLU B 279 -6.86 -6.20 -1.53
C GLU B 279 -6.69 -5.16 -0.42
N VAL B 280 -7.75 -4.82 0.32
CA VAL B 280 -9.10 -5.36 0.18
C VAL B 280 -9.95 -4.43 -0.69
N THR B 281 -10.64 -5.00 -1.67
CA THR B 281 -11.49 -4.21 -2.57
C THR B 281 -12.91 -4.11 -2.04
N PRO B 282 -13.73 -3.22 -2.64
CA PRO B 282 -15.12 -3.06 -2.20
C PRO B 282 -15.91 -4.35 -2.41
N LEU B 283 -15.54 -5.12 -3.42
CA LEU B 283 -16.24 -6.37 -3.73
C LEU B 283 -15.98 -7.43 -2.68
N GLN B 284 -14.87 -7.29 -1.96
CA GLN B 284 -14.50 -8.24 -0.91
C GLN B 284 -15.07 -7.82 0.43
N ALA B 285 -15.47 -6.56 0.54
CA ALA B 285 -16.01 -6.02 1.79
C ALA B 285 -17.51 -5.80 1.74
N ASN B 286 -18.15 -6.23 0.64
CA ASN B 286 -19.59 -6.09 0.45
C ASN B 286 -20.01 -4.62 0.49
N LEU B 287 -19.23 -3.78 -0.20
CA LEU B 287 -19.49 -2.35 -0.28
C LEU B 287 -19.74 -1.92 -1.72
N GLU B 288 -20.19 -2.84 -2.56
CA GLU B 288 -20.43 -2.51 -3.97
C GLU B 288 -21.51 -1.43 -4.15
N PHE B 289 -22.39 -1.30 -3.15
CA PHE B 289 -23.45 -0.30 -3.23
C PHE B 289 -22.89 1.13 -3.32
N ALA B 290 -21.64 1.31 -2.91
CA ALA B 290 -21.01 2.63 -2.94
C ALA B 290 -20.32 2.93 -4.27
N ILE B 291 -20.52 2.05 -5.24
CA ILE B 291 -19.90 2.22 -6.56
C ILE B 291 -20.87 2.62 -7.67
N TYR B 292 -20.59 3.73 -8.33
CA TYR B 292 -21.37 4.18 -9.47
C TYR B 292 -20.55 3.67 -10.66
N TRP B 293 -20.99 2.55 -11.22
CA TRP B 293 -20.27 1.89 -12.31
C TRP B 293 -20.23 2.57 -13.67
N ASP B 294 -21.16 3.47 -13.94
CA ASP B 294 -21.20 4.08 -15.26
C ASP B 294 -20.13 5.11 -15.59
N LYS B 295 -19.44 5.61 -14.56
CA LYS B 295 -18.38 6.58 -14.78
C LYS B 295 -17.06 5.83 -14.64
N ASP B 296 -15.96 6.51 -14.95
CA ASP B 296 -14.65 5.91 -14.79
C ASP B 296 -14.11 6.47 -13.47
N PHE B 297 -13.24 5.72 -12.81
CA PHE B 297 -12.65 6.16 -11.56
C PHE B 297 -11.41 5.31 -11.27
N ILE B 298 -10.51 5.85 -10.46
CA ILE B 298 -9.28 5.13 -10.13
C ILE B 298 -9.59 3.79 -9.47
N GLY B 299 -9.02 2.73 -10.05
CA GLY B 299 -9.21 1.39 -9.51
C GLY B 299 -10.30 0.57 -10.18
N LYS B 300 -11.12 1.20 -11.00
CA LYS B 300 -12.22 0.50 -11.66
C LYS B 300 -11.83 -0.76 -12.43
N ASP B 301 -10.76 -0.70 -13.22
CA ASP B 301 -10.34 -1.86 -14.01
C ASP B 301 -10.06 -3.08 -13.18
N ALA B 302 -9.40 -2.87 -12.05
CA ALA B 302 -9.07 -3.97 -11.18
C ALA B 302 -10.35 -4.63 -10.68
N LEU B 303 -11.37 -3.85 -10.40
CA LEU B 303 -12.63 -4.40 -9.92
C LEU B 303 -13.32 -5.21 -11.00
N LEU B 304 -13.27 -4.73 -12.23
CA LEU B 304 -13.89 -5.45 -13.34
C LEU B 304 -13.18 -6.78 -13.53
N LYS B 305 -11.86 -6.77 -13.41
CA LYS B 305 -11.09 -8.01 -13.56
C LYS B 305 -11.38 -8.95 -12.39
N GLN B 306 -11.59 -8.38 -11.20
CA GLN B 306 -11.86 -9.21 -10.04
C GLN B 306 -13.18 -9.95 -10.17
N LYS B 307 -14.15 -9.33 -10.84
CA LYS B 307 -15.43 -9.99 -11.06
C LYS B 307 -15.25 -11.17 -12.00
N GLU B 308 -14.35 -11.01 -12.97
CA GLU B 308 -14.07 -12.05 -13.95
C GLU B 308 -13.44 -13.29 -13.32
N ARG B 309 -12.50 -13.06 -12.41
CA ARG B 309 -11.78 -14.15 -11.76
C ARG B 309 -12.37 -14.63 -10.44
N GLY B 310 -13.18 -13.78 -9.80
CA GLY B 310 -13.76 -14.13 -8.51
C GLY B 310 -12.98 -13.41 -7.43
N VAL B 311 -13.67 -12.97 -6.38
CA VAL B 311 -13.00 -12.23 -5.31
C VAL B 311 -12.11 -13.06 -4.39
N GLY B 312 -12.31 -14.38 -4.38
CA GLY B 312 -11.49 -15.23 -3.54
C GLY B 312 -11.85 -15.24 -2.07
N ARG B 313 -11.79 -14.07 -1.43
CA ARG B 313 -12.12 -13.94 -0.01
C ARG B 313 -13.12 -12.81 0.19
N LYS B 314 -13.95 -12.95 1.21
CA LYS B 314 -14.96 -11.95 1.55
C LYS B 314 -15.13 -11.86 3.06
N LEU B 315 -15.71 -10.75 3.52
CA LEU B 315 -15.95 -10.56 4.94
C LEU B 315 -17.20 -11.34 5.33
N VAL B 316 -17.24 -11.81 6.58
CA VAL B 316 -18.39 -12.53 7.09
C VAL B 316 -18.56 -12.16 8.56
N HIS B 317 -19.80 -12.03 9.01
CA HIS B 317 -20.10 -11.70 10.39
C HIS B 317 -20.42 -13.00 11.12
N PHE B 318 -19.97 -13.12 12.36
CA PHE B 318 -20.22 -14.34 13.12
C PHE B 318 -20.39 -14.03 14.60
N LYS B 319 -21.11 -14.91 15.30
CA LYS B 319 -21.26 -14.74 16.73
C LYS B 319 -20.94 -16.06 17.41
N MET B 320 -20.30 -15.97 18.57
CA MET B 320 -19.90 -17.15 19.31
C MET B 320 -21.08 -17.90 19.91
N ILE B 321 -20.94 -19.23 19.94
CA ILE B 321 -21.94 -20.11 20.54
C ILE B 321 -21.30 -20.45 21.87
N ASP B 322 -20.03 -20.84 21.80
CA ASP B 322 -19.25 -21.18 22.97
C ASP B 322 -18.72 -19.90 23.61
N LYS B 323 -18.19 -20.02 24.83
CA LYS B 323 -17.66 -18.87 25.54
C LYS B 323 -16.38 -18.38 24.85
N GLY B 324 -15.88 -17.23 25.28
CA GLY B 324 -14.67 -16.77 24.64
C GLY B 324 -15.00 -15.62 23.72
N ILE B 325 -14.03 -14.74 23.62
CA ILE B 325 -14.06 -13.55 22.83
C ILE B 325 -13.10 -13.56 21.65
N PRO B 326 -13.65 -13.50 20.42
CA PRO B 326 -12.83 -13.49 19.24
C PRO B 326 -12.09 -12.16 19.17
N ARG B 327 -10.86 -12.18 18.67
CA ARG B 327 -10.06 -10.98 18.53
C ARG B 327 -9.30 -11.02 17.23
N GLU B 328 -8.90 -9.84 16.75
CA GLU B 328 -8.17 -9.73 15.50
C GLU B 328 -7.00 -10.71 15.40
N GLY B 329 -6.92 -11.41 14.29
CA GLY B 329 -5.82 -12.35 14.08
C GLY B 329 -6.13 -13.81 14.34
N TYR B 330 -7.14 -14.09 15.16
CA TYR B 330 -7.51 -15.47 15.47
C TYR B 330 -7.92 -16.23 14.20
N LYS B 331 -7.48 -17.49 14.10
CA LYS B 331 -7.80 -18.30 12.93
C LYS B 331 -9.23 -18.84 12.99
N VAL B 332 -9.87 -18.92 11.83
CA VAL B 332 -11.24 -19.40 11.73
C VAL B 332 -11.29 -20.69 10.91
N TYR B 333 -12.03 -21.67 11.41
CA TYR B 333 -12.16 -22.96 10.73
C TYR B 333 -13.61 -23.34 10.44
N ALA B 334 -13.79 -24.24 9.48
CA ALA B 334 -15.10 -24.71 9.10
C ALA B 334 -14.99 -25.98 8.27
N ASN B 335 -15.92 -26.90 8.48
CA ASN B 335 -15.95 -28.15 7.73
C ASN B 335 -14.59 -28.87 7.69
N GLY B 336 -13.82 -28.73 8.76
CA GLY B 336 -12.53 -29.39 8.84
C GLY B 336 -11.33 -28.69 8.22
N GLU B 337 -11.48 -27.42 7.85
CA GLU B 337 -10.37 -26.69 7.26
C GLU B 337 -10.34 -25.23 7.71
N MET B 338 -9.15 -24.63 7.67
CA MET B 338 -9.00 -23.22 8.04
C MET B 338 -9.57 -22.43 6.87
N ILE B 339 -10.45 -21.48 7.15
CA ILE B 339 -11.07 -20.69 6.09
C ILE B 339 -10.71 -19.21 6.13
N GLY B 340 -10.08 -18.76 7.20
CA GLY B 340 -9.72 -17.36 7.28
C GLY B 340 -9.25 -16.89 8.63
N GLU B 341 -9.35 -15.58 8.85
CA GLU B 341 -8.91 -14.97 10.09
C GLU B 341 -9.86 -13.86 10.53
N VAL B 342 -9.95 -13.66 11.84
CA VAL B 342 -10.81 -12.64 12.41
C VAL B 342 -10.18 -11.27 12.17
N THR B 343 -11.00 -10.28 11.79
CA THR B 343 -10.51 -8.93 11.55
C THR B 343 -10.90 -8.02 12.73
N SER B 344 -12.05 -8.30 13.33
CA SER B 344 -12.53 -7.55 14.50
C SER B 344 -13.33 -8.48 15.41
N GLY B 345 -13.15 -8.31 16.71
CA GLY B 345 -13.89 -9.14 17.66
C GLY B 345 -14.08 -8.41 18.98
N THR B 346 -15.17 -8.71 19.66
CA THR B 346 -15.44 -8.08 20.94
C THR B 346 -16.57 -8.80 21.68
N LEU B 347 -16.75 -8.43 22.94
CA LEU B 347 -17.82 -8.98 23.75
C LEU B 347 -18.99 -8.02 23.56
N SER B 348 -20.09 -8.52 23.01
CA SER B 348 -21.27 -7.67 22.81
C SER B 348 -21.87 -7.33 24.16
N PRO B 349 -21.88 -6.04 24.53
CA PRO B 349 -22.45 -5.65 25.83
C PRO B 349 -23.94 -5.98 25.91
N LEU B 350 -24.58 -6.03 24.74
CA LEU B 350 -26.00 -6.31 24.65
C LEU B 350 -26.35 -7.79 24.64
N LEU B 351 -25.63 -8.58 23.85
CA LEU B 351 -25.87 -10.02 23.75
C LEU B 351 -25.09 -10.83 24.78
N ASN B 352 -24.03 -10.23 25.30
CA ASN B 352 -23.16 -10.88 26.28
C ASN B 352 -22.51 -12.14 25.74
N VAL B 353 -22.15 -12.10 24.46
CA VAL B 353 -21.47 -13.21 23.81
C VAL B 353 -20.51 -12.56 22.82
N GLY B 354 -19.46 -13.28 22.44
CA GLY B 354 -18.52 -12.72 21.50
C GLY B 354 -19.09 -12.60 20.12
N ILE B 355 -18.74 -11.51 19.43
CA ILE B 355 -19.20 -11.28 18.07
C ILE B 355 -18.00 -10.75 17.30
N GLY B 356 -18.04 -10.89 15.98
CA GLY B 356 -16.93 -10.39 15.19
C GLY B 356 -17.14 -10.50 13.70
N ILE B 357 -16.09 -10.11 12.98
CA ILE B 357 -16.08 -10.16 11.53
C ILE B 357 -14.80 -10.89 11.16
N ALA B 358 -14.85 -11.69 10.11
CA ALA B 358 -13.69 -12.43 9.66
C ALA B 358 -13.56 -12.31 8.14
N PHE B 359 -12.35 -12.47 7.65
CA PHE B 359 -12.07 -12.39 6.21
C PHE B 359 -11.84 -13.86 5.85
N VAL B 360 -12.79 -14.45 5.13
CA VAL B 360 -12.70 -15.87 4.79
C VAL B 360 -12.91 -16.23 3.33
N LYS B 361 -12.65 -17.50 3.00
CA LYS B 361 -12.85 -17.98 1.65
C LYS B 361 -14.28 -17.61 1.31
N GLU B 362 -14.47 -16.97 0.15
CA GLU B 362 -15.78 -16.51 -0.26
C GLU B 362 -16.95 -17.48 -0.17
N GLU B 363 -16.71 -18.77 -0.38
CA GLU B 363 -17.82 -19.72 -0.32
C GLU B 363 -18.41 -19.86 1.10
N TYR B 364 -17.68 -19.37 2.09
CA TYR B 364 -18.12 -19.44 3.48
C TYR B 364 -18.72 -18.11 3.96
N ALA B 365 -18.69 -17.09 3.10
CA ALA B 365 -19.22 -15.79 3.45
C ALA B 365 -20.74 -15.76 3.29
N LYS B 366 -21.41 -16.65 4.02
CA LYS B 366 -22.87 -16.75 3.98
C LYS B 366 -23.34 -17.00 5.42
N PRO B 367 -24.60 -16.66 5.72
CA PRO B 367 -25.14 -16.85 7.06
C PRO B 367 -25.57 -18.30 7.34
N GLY B 368 -25.60 -18.66 8.62
CA GLY B 368 -26.01 -20.00 9.02
C GLY B 368 -24.96 -21.09 9.02
N ILE B 369 -23.72 -20.74 8.72
CA ILE B 369 -22.65 -21.72 8.69
C ILE B 369 -21.97 -21.90 10.03
N GLU B 370 -21.85 -23.16 10.47
CA GLU B 370 -21.19 -23.46 11.73
C GLU B 370 -19.69 -23.39 11.52
N ILE B 371 -19.01 -22.61 12.36
CA ILE B 371 -17.56 -22.46 12.26
C ILE B 371 -16.92 -22.53 13.63
N GLU B 372 -15.59 -22.50 13.66
CA GLU B 372 -14.85 -22.53 14.91
C GLU B 372 -13.80 -21.44 14.89
N VAL B 373 -13.58 -20.82 16.05
CA VAL B 373 -12.58 -19.77 16.18
C VAL B 373 -11.56 -20.23 17.22
N GLU B 374 -10.30 -20.23 16.85
CA GLU B 374 -9.28 -20.65 17.79
C GLU B 374 -9.03 -19.55 18.81
N ILE B 375 -9.33 -19.86 20.05
CA ILE B 375 -9.16 -18.92 21.16
C ILE B 375 -8.36 -19.59 22.28
N ARG B 376 -7.13 -19.12 22.46
CA ARG B 376 -6.24 -19.65 23.49
C ARG B 376 -6.09 -21.17 23.42
N GLY B 377 -5.79 -21.67 22.23
CA GLY B 377 -5.58 -23.09 22.04
C GLY B 377 -6.81 -23.99 21.94
N GLN B 378 -8.00 -23.38 21.91
CA GLN B 378 -9.22 -24.17 21.82
C GLN B 378 -10.11 -23.72 20.67
N ARG B 379 -10.73 -24.68 19.98
CA ARG B 379 -11.62 -24.38 18.88
C ARG B 379 -13.01 -24.11 19.45
N LYS B 380 -13.37 -22.85 19.57
CA LYS B 380 -14.66 -22.47 20.13
C LYS B 380 -15.72 -22.32 19.03
N LYS B 381 -16.87 -22.94 19.25
CA LYS B 381 -17.96 -22.91 18.26
C LYS B 381 -18.58 -21.53 18.05
N ALA B 382 -18.91 -21.26 16.79
CA ALA B 382 -19.53 -20.00 16.40
C ALA B 382 -20.40 -20.27 15.17
N VAL B 383 -21.17 -19.27 14.77
CA VAL B 383 -22.03 -19.41 13.59
C VAL B 383 -22.08 -18.08 12.86
N THR B 384 -22.05 -18.14 11.53
CA THR B 384 -22.11 -16.91 10.74
C THR B 384 -23.53 -16.38 10.76
N VAL B 385 -23.66 -15.07 10.70
CA VAL B 385 -24.97 -14.43 10.74
C VAL B 385 -25.04 -13.23 9.81
N THR B 386 -26.26 -12.74 9.61
CA THR B 386 -26.51 -11.56 8.79
C THR B 386 -26.62 -10.41 9.80
N PRO B 387 -25.80 -9.36 9.64
CA PRO B 387 -25.87 -8.23 10.57
C PRO B 387 -27.15 -7.43 10.38
N PRO B 388 -27.53 -6.61 11.37
CA PRO B 388 -26.85 -6.38 12.65
C PRO B 388 -26.98 -7.56 13.62
N PHE B 389 -26.14 -7.58 14.64
CA PHE B 389 -26.16 -8.65 15.64
C PHE B 389 -27.33 -8.50 16.59
N TYR B 390 -27.79 -7.27 16.79
CA TYR B 390 -28.92 -7.01 17.67
C TYR B 390 -30.22 -7.24 16.90
N ASP B 391 -31.33 -7.34 17.64
CA ASP B 391 -32.64 -7.54 17.03
C ASP B 391 -33.05 -6.20 16.42
N PRO B 392 -33.13 -6.13 15.08
CA PRO B 392 -33.50 -4.88 14.41
C PRO B 392 -34.93 -4.39 14.66
N LYS B 393 -35.74 -5.20 15.34
CA LYS B 393 -37.09 -4.78 15.66
C LYS B 393 -37.09 -4.09 17.02
N LYS B 394 -36.08 -4.40 17.82
CA LYS B 394 -35.97 -3.83 19.17
C LYS B 394 -34.93 -2.73 19.30
N TYR B 395 -33.82 -2.86 18.57
CA TYR B 395 -32.76 -1.86 18.63
C TYR B 395 -32.45 -1.30 17.24
N GLY B 396 -31.63 -0.26 17.20
CA GLY B 396 -31.28 0.32 15.93
C GLY B 396 -32.31 1.31 15.41
N LEU B 397 -31.96 1.98 14.32
CA LEU B 397 -32.78 2.98 13.68
C LEU B 397 -34.16 2.50 13.23
N PHE B 398 -34.25 1.22 12.88
CA PHE B 398 -35.51 0.65 12.40
C PHE B 398 -36.36 -0.05 13.45
N ARG B 399 -36.05 0.15 14.72
CA ARG B 399 -36.83 -0.47 15.79
C ARG B 399 -38.30 -0.07 15.63
N GLU B 400 -39.20 -0.98 15.94
CA GLU B 400 -40.62 -0.70 15.78
C GLU B 400 -41.38 -0.13 16.96
N THR B 401 -40.73 -0.05 18.13
CA THR B 401 -41.39 0.53 19.30
C THR B 401 -40.44 1.47 20.02
#